data_5FFG
#
_entry.id   5FFG
#
_cell.length_a   215.590
_cell.length_b   77.560
_cell.length_c   59.070
_cell.angle_alpha   90.00
_cell.angle_beta   101.46
_cell.angle_gamma   90.00
#
_symmetry.space_group_name_H-M   'C 1 2 1'
#
loop_
_entity.id
_entity.type
_entity.pdbx_description
1 polymer 'Integrin alpha-V'
2 polymer 'Integrin beta-6'
3 branched 2-acetamido-2-deoxy-beta-D-glucopyranose-(1-4)-2-acetamido-2-deoxy-beta-D-glucopyranose
4 branched beta-D-mannopyranose-(1-4)-2-acetamido-2-deoxy-beta-D-glucopyranose-(1-4)-2-acetamido-2-deoxy-beta-D-glucopyranose
5 branched alpha-D-mannopyranose-(1-3)-alpha-D-mannopyranose-(1-6)-[alpha-D-mannopyranose-(1-3)]beta-D-mannopyranose-(1-4)-2-acetamido-2-deoxy-beta-D-glucopyranose-(1-4)-2-acetamido-2-deoxy-beta-D-glucopyranose
6 branched alpha-D-mannopyranose-(1-2)-alpha-D-mannopyranose-(1-3)-[alpha-D-mannopyranose-(1-3)-[alpha-D-mannopyranose-(1-6)]alpha-D-mannopyranose-(1-6)]beta-D-mannopyranose-(1-4)-2-acetamido-2-deoxy-beta-D-glucopyranose-(1-4)-2-acetamido-2-deoxy-beta-D-glucopyranose
7 non-polymer 'CALCIUM ION'
8 non-polymer 2-acetamido-2-deoxy-beta-D-glucopyranose
9 non-polymer 'SULFATE ION'
10 non-polymer '2-(N-MORPHOLINO)-ETHANESULFONIC ACID'
11 non-polymer DI(HYDROXYETHYL)ETHER
12 water water
#
loop_
_entity_poly.entity_id
_entity_poly.type
_entity_poly.pdbx_seq_one_letter_code
_entity_poly.pdbx_strand_id
1 'polypeptide(L)'
;FNLDVDSPAEYSGPEGSYFGFAVDFFVPSASSRMFLLVGAPKANTTQPGIVEGGQVLKCDWSSTRRCQPIEFDATGNRDY
AKDDPLEFKSHQWFGASVRSKQDKILACAPLYHWRTEMKQEREPVGTCFLQDGTKTVEYAPCRSQDIDADGQGFCQGGFS
IDFTKADRVLLGGPGSFYWQGQLISDQVAEIVSKYDPNVYSIKYNNQLATRTAQAIFDDSYLGYSVAVGDFNGDGIDDFV
SGVPRAARTLGMVYIYDGKNMSSLYNFTGEQMAAYFGFSVAATDINGDDYADVFIGAPLFMDRGSDGKLQEVGQVSVSLQ
RASGDFQTTKLNGFEVFARFGSAIAPLGDLDQDGFNDIAIAAPYGGEDKKGIVYIFNGRSTGLNAVPSQILEGQWAARSG
CPPSFGYSMKGATDIDKNGYPDLIVGAFGVDRAILYRARPVITVNAGLEVYPSILNQDNKTCSLPGTALKVSCFNVRFCL
KADGKGVLPRKLNFQVELLLDKLKQKGAIRRALFLYSRSPSHSKNMTISRGGLMQCEELIAYLRDESEFRDKLTPITIFM
EYRLDYRTAADTTGLQPILNQFTPANISRQAHILLDTGGLE
;
A
2 'polypeptide(L)'
;TEDYPVDLYYLMDLSASMDDDLNTIKELGSRLSKEMSKLTSNFRLGFGSFVEKPVSPFVKTTPEEIANPCSSIPYFCLPT
FGFKHILPLTNDAERFNEIVKNQKISANIDTPEGGFDAIMQAAVCKEKIGWRNDSLHLLVFVSDADSHFGMDSKLAGIVC
PNDGLCHLDSKNEYSMSTVLEYPTIGQLIDKLVQNNVLLIFAVTQEQVHLYENYAKLIPGATVGLLQKDSGNILQLIISA
YEELRSEVELEHHHHHH
;
B
#
loop_
_chem_comp.id
_chem_comp.type
_chem_comp.name
_chem_comp.formula
BMA D-saccharide, beta linking beta-D-mannopyranose 'C6 H12 O6'
CA non-polymer 'CALCIUM ION' 'Ca 2'
MAN D-saccharide, alpha linking alpha-D-mannopyranose 'C6 H12 O6'
MES non-polymer '2-(N-MORPHOLINO)-ETHANESULFONIC ACID' 'C6 H13 N O4 S'
NAG D-saccharide, beta linking 2-acetamido-2-deoxy-beta-D-glucopyranose 'C8 H15 N O6'
PEG non-polymer DI(HYDROXYETHYL)ETHER 'C4 H10 O3'
SO4 non-polymer 'SULFATE ION' 'O4 S -2'
#
# COMPACT_ATOMS: atom_id res chain seq x y z
N PHE A 1 -14.43 -2.39 -13.76
CA PHE A 1 -14.70 -1.48 -14.87
C PHE A 1 -16.02 -0.75 -14.67
N ASN A 2 -16.87 -1.29 -13.81
CA ASN A 2 -18.22 -0.77 -13.61
C ASN A 2 -18.35 0.14 -12.41
N LEU A 3 -17.26 0.60 -11.82
CA LEU A 3 -17.34 1.55 -10.72
C LEU A 3 -17.64 2.94 -11.27
N ASP A 4 -18.63 3.60 -10.69
CA ASP A 4 -19.02 4.93 -11.14
C ASP A 4 -18.03 5.96 -10.56
N VAL A 5 -17.19 6.51 -11.43
CA VAL A 5 -16.22 7.53 -11.03
C VAL A 5 -16.69 8.93 -11.36
N ASP A 6 -17.85 9.06 -12.03
CA ASP A 6 -18.33 10.39 -12.41
C ASP A 6 -18.95 11.12 -11.23
N SER A 7 -19.74 10.44 -10.41
CA SER A 7 -20.41 11.04 -9.26
C SER A 7 -20.30 10.14 -8.04
N PRO A 8 -19.12 10.07 -7.43
CA PRO A 8 -18.98 9.32 -6.17
C PRO A 8 -19.29 10.20 -4.97
N ALA A 9 -19.65 9.53 -3.87
CA ALA A 9 -19.97 10.21 -2.62
C ALA A 9 -18.68 10.59 -1.90
N GLU A 10 -18.53 11.88 -1.59
CA GLU A 10 -17.32 12.42 -0.97
C GLU A 10 -17.64 12.79 0.48
N TYR A 11 -17.05 12.05 1.42
CA TYR A 11 -17.17 12.33 2.84
C TYR A 11 -15.87 12.93 3.35
N SER A 12 -15.98 13.91 4.24
CA SER A 12 -14.81 14.61 4.75
C SER A 12 -14.93 14.82 6.25
N GLY A 13 -13.78 14.96 6.91
CA GLY A 13 -13.73 15.18 8.33
C GLY A 13 -12.86 16.37 8.68
N PRO A 14 -12.61 16.57 9.98
CA PRO A 14 -11.79 17.72 10.40
C PRO A 14 -10.39 17.63 9.83
N GLU A 15 -9.83 18.80 9.50
CA GLU A 15 -8.50 18.84 8.93
C GLU A 15 -7.47 18.40 9.95
N GLY A 16 -6.39 17.79 9.46
CA GLY A 16 -5.34 17.30 10.31
C GLY A 16 -5.68 16.07 11.14
N SER A 17 -6.91 15.57 11.06
CA SER A 17 -7.35 14.44 11.86
C SER A 17 -7.10 13.11 11.17
N TYR A 18 -6.55 13.11 9.96
CA TYR A 18 -6.32 11.90 9.18
C TYR A 18 -7.62 11.13 8.97
N PHE A 19 -8.70 11.87 8.77
CA PHE A 19 -9.97 11.27 8.41
C PHE A 19 -9.80 10.42 7.15
N GLY A 20 -10.08 9.13 7.27
CA GLY A 20 -9.91 8.21 6.17
C GLY A 20 -8.71 7.30 6.28
N PHE A 21 -7.95 7.38 7.39
CA PHE A 21 -6.80 6.50 7.58
C PHE A 21 -7.21 5.04 7.58
N ALA A 22 -8.41 4.74 8.08
CA ALA A 22 -8.98 3.41 8.04
C ALA A 22 -10.46 3.53 7.70
N VAL A 23 -10.94 2.67 6.80
CA VAL A 23 -12.32 2.72 6.34
C VAL A 23 -12.91 1.31 6.39
N ASP A 24 -14.23 1.24 6.51
CA ASP A 24 -14.96 -0.03 6.51
C ASP A 24 -16.43 0.28 6.31
N PHE A 25 -17.22 -0.79 6.19
CA PHE A 25 -18.68 -0.69 6.14
C PHE A 25 -19.27 -1.07 7.49
N PHE A 26 -20.59 -0.89 7.60
CA PHE A 26 -21.34 -1.27 8.79
C PHE A 26 -22.72 -1.75 8.35
N VAL A 27 -22.98 -3.04 8.54
CA VAL A 27 -24.28 -3.62 8.21
C VAL A 27 -24.80 -4.40 9.42
N PRO A 28 -25.54 -3.76 10.32
CA PRO A 28 -26.11 -4.40 11.51
C PRO A 28 -27.31 -5.29 11.20
N SER A 32 -31.39 -3.62 8.29
CA SER A 32 -31.43 -2.20 8.58
C SER A 32 -30.75 -1.40 7.46
N ARG A 33 -30.49 -0.12 7.74
CA ARG A 33 -29.70 0.70 6.83
C ARG A 33 -28.21 0.35 7.00
N MET A 34 -27.40 0.83 6.06
CA MET A 34 -25.98 0.57 6.07
C MET A 34 -25.21 1.89 6.15
N PHE A 35 -23.97 1.79 6.64
CA PHE A 35 -23.18 2.97 6.94
C PHE A 35 -21.74 2.78 6.51
N LEU A 36 -21.02 3.88 6.42
CA LEU A 36 -19.57 3.88 6.24
C LEU A 36 -18.91 4.16 7.57
N LEU A 37 -17.91 3.35 7.92
CA LEU A 37 -17.10 3.55 9.11
C LEU A 37 -15.75 4.13 8.69
N VAL A 38 -15.43 5.32 9.20
CA VAL A 38 -14.21 6.01 8.85
C VAL A 38 -13.41 6.28 10.12
N GLY A 39 -12.12 6.00 10.08
CA GLY A 39 -11.24 6.31 11.19
C GLY A 39 -10.58 7.66 11.01
N ALA A 40 -10.51 8.42 12.10
CA ALA A 40 -9.80 9.69 12.15
C ALA A 40 -8.89 9.63 13.38
N PRO A 41 -7.71 9.03 13.26
CA PRO A 41 -6.92 8.72 14.47
C PRO A 41 -6.26 9.93 15.10
N LYS A 42 -6.12 11.05 14.39
CA LYS A 42 -5.55 12.26 14.97
C LYS A 42 -6.62 13.25 15.39
N ALA A 43 -7.87 12.81 15.53
CA ALA A 43 -8.98 13.71 15.77
C ALA A 43 -9.08 14.08 17.24
N ASN A 44 -9.24 15.37 17.51
CA ASN A 44 -9.55 15.84 18.85
C ASN A 44 -10.96 15.40 19.24
N THR A 45 -11.10 14.92 20.48
CA THR A 45 -12.38 14.51 21.02
C THR A 45 -12.71 15.34 22.27
N THR A 46 -13.87 15.07 22.85
CA THR A 46 -14.32 15.75 24.06
C THR A 46 -13.81 15.09 25.33
N GLN A 47 -12.96 14.08 25.21
CA GLN A 47 -12.44 13.38 26.37
C GLN A 47 -11.66 14.37 27.25
N PRO A 48 -11.91 14.39 28.56
CA PRO A 48 -11.24 15.38 29.43
C PRO A 48 -9.73 15.18 29.45
N GLY A 49 -9.01 16.23 29.06
CA GLY A 49 -7.57 16.22 29.08
C GLY A 49 -6.90 15.41 27.99
N ILE A 50 -7.64 14.81 27.07
CA ILE A 50 -7.09 13.94 26.04
C ILE A 50 -6.93 14.76 24.77
N VAL A 51 -5.68 14.95 24.34
CA VAL A 51 -5.35 15.69 23.14
C VAL A 51 -5.18 14.70 21.99
N GLU A 52 -5.99 14.88 20.94
CA GLU A 52 -5.92 14.05 19.73
C GLU A 52 -6.07 12.56 20.06
N GLY A 53 -7.11 12.24 20.83
CA GLY A 53 -7.36 10.84 21.15
C GLY A 53 -7.73 10.02 19.93
N GLY A 54 -8.30 10.64 18.91
CA GLY A 54 -8.78 9.95 17.74
C GLY A 54 -10.20 9.43 17.92
N GLN A 55 -10.86 9.19 16.79
CA GLN A 55 -12.22 8.70 16.84
C GLN A 55 -12.53 7.90 15.57
N VAL A 56 -13.63 7.16 15.64
CA VAL A 56 -14.18 6.42 14.52
C VAL A 56 -15.56 6.99 14.22
N LEU A 57 -15.78 7.39 12.98
CA LEU A 57 -17.02 8.07 12.60
C LEU A 57 -17.92 7.13 11.81
N LYS A 58 -19.22 7.26 12.04
CA LYS A 58 -20.24 6.53 11.31
C LYS A 58 -20.88 7.49 10.31
N CYS A 59 -20.67 7.23 9.02
CA CYS A 59 -21.24 8.02 7.95
C CYS A 59 -22.34 7.24 7.26
N ASP A 60 -23.43 7.92 6.93
CA ASP A 60 -24.57 7.27 6.31
C ASP A 60 -24.55 7.49 4.80
N TRP A 61 -24.99 6.47 4.06
CA TRP A 61 -25.06 6.56 2.61
C TRP A 61 -26.29 7.33 2.16
N SER A 62 -27.44 7.10 2.80
CA SER A 62 -28.68 7.71 2.33
C SER A 62 -28.60 9.23 2.34
N SER A 63 -28.18 9.80 3.45
CA SER A 63 -28.18 11.25 3.63
C SER A 63 -26.93 11.89 3.05
N THR A 64 -27.02 13.20 2.81
CA THR A 64 -25.85 13.98 2.40
C THR A 64 -24.81 13.99 3.51
N ARG A 65 -23.61 13.48 3.20
CA ARG A 65 -22.53 13.22 4.14
C ARG A 65 -23.01 13.05 5.57
N ARG A 66 -22.97 14.14 6.35
CA ARG A 66 -23.34 14.14 7.76
C ARG A 66 -22.78 12.93 8.49
N CYS A 67 -21.49 12.98 8.82
CA CYS A 67 -20.86 11.92 9.60
C CYS A 67 -20.94 12.25 11.09
N GLN A 68 -21.03 11.21 11.90
CA GLN A 68 -21.12 11.37 13.34
C GLN A 68 -20.11 10.48 14.04
N PRO A 69 -19.34 11.02 14.99
CA PRO A 69 -18.40 10.19 15.75
C PRO A 69 -19.14 9.15 16.59
N ILE A 70 -18.56 7.95 16.66
CA ILE A 70 -19.09 6.89 17.51
C ILE A 70 -18.39 6.98 18.86
N GLU A 71 -19.18 7.17 19.91
CA GLU A 71 -18.65 7.34 21.27
C GLU A 71 -18.29 5.97 21.81
N PHE A 72 -17.03 5.59 21.64
CA PHE A 72 -16.53 4.36 22.25
C PHE A 72 -16.15 4.59 23.71
N ASP A 73 -15.57 5.75 24.00
CA ASP A 73 -15.11 6.07 25.35
C ASP A 73 -15.08 7.58 25.50
N ALA A 74 -15.84 8.11 26.47
CA ALA A 74 -15.85 9.53 26.75
C ALA A 74 -14.94 9.93 27.90
N THR A 75 -14.37 8.97 28.61
CA THR A 75 -13.58 9.27 29.79
C THR A 75 -12.16 9.66 29.43
N GLY A 76 -11.50 10.31 30.38
CA GLY A 76 -10.10 10.67 30.25
C GLY A 76 -9.19 9.56 30.72
N ASN A 77 -8.05 9.95 31.28
CA ASN A 77 -7.06 8.99 31.75
C ASN A 77 -7.44 8.49 33.14
N ARG A 78 -7.66 7.18 33.27
CA ARG A 78 -7.86 6.60 34.58
C ARG A 78 -6.60 6.75 35.43
N ASP A 79 -6.80 6.86 36.74
CA ASP A 79 -5.70 6.98 37.69
C ASP A 79 -5.40 5.60 38.27
N TYR A 80 -4.11 5.23 38.25
CA TYR A 80 -3.67 4.10 39.05
C TYR A 80 -3.76 4.44 40.53
N ALA A 81 -3.29 5.61 40.90
CA ALA A 81 -3.43 6.14 42.25
C ALA A 81 -3.53 7.66 42.14
N LYS A 82 -3.65 8.32 43.28
CA LYS A 82 -3.70 9.77 43.28
C LYS A 82 -2.43 10.36 42.69
N ASP A 83 -2.58 11.23 41.70
CA ASP A 83 -1.48 11.85 40.97
C ASP A 83 -0.59 10.82 40.29
N ASP A 84 -1.13 9.63 40.00
CA ASP A 84 -0.39 8.54 39.37
C ASP A 84 -1.27 8.00 38.25
N PRO A 85 -1.23 8.61 37.07
CA PRO A 85 -2.14 8.20 36.00
C PRO A 85 -1.84 6.78 35.53
N LEU A 86 -2.91 6.02 35.30
CA LEU A 86 -2.77 4.65 34.85
C LEU A 86 -2.49 4.56 33.35
N GLU A 87 -3.05 5.49 32.57
CA GLU A 87 -2.99 5.39 31.13
C GLU A 87 -2.73 6.77 30.55
N PHE A 88 -2.41 6.78 29.26
CA PHE A 88 -2.11 8.02 28.53
C PHE A 88 -2.80 7.91 27.17
N LYS A 89 -3.97 8.53 27.04
CA LYS A 89 -4.77 8.41 25.83
C LYS A 89 -4.49 9.48 24.80
N SER A 90 -3.73 10.52 25.15
CA SER A 90 -3.40 11.55 24.17
C SER A 90 -2.50 10.98 23.07
N HIS A 91 -2.82 11.32 21.82
CA HIS A 91 -2.08 10.87 20.65
C HIS A 91 -2.04 9.34 20.57
N GLN A 92 -3.11 8.68 21.01
CA GLN A 92 -3.16 7.22 21.00
C GLN A 92 -3.56 6.65 19.64
N TRP A 93 -3.97 7.49 18.69
CA TRP A 93 -4.32 7.06 17.35
C TRP A 93 -5.51 6.10 17.34
N PHE A 94 -6.52 6.39 18.16
CA PHE A 94 -7.73 5.59 18.15
C PHE A 94 -8.44 5.78 16.82
N GLY A 95 -8.78 4.67 16.17
CA GLY A 95 -9.28 4.70 14.82
C GLY A 95 -8.25 4.44 13.76
N ALA A 96 -7.03 4.04 14.13
CA ALA A 96 -6.02 3.71 13.13
C ALA A 96 -6.39 2.44 12.39
N SER A 97 -7.18 1.58 13.01
CA SER A 97 -7.72 0.38 12.37
C SER A 97 -9.15 0.18 12.84
N VAL A 98 -10.07 0.07 11.89
CA VAL A 98 -11.49 -0.15 12.17
C VAL A 98 -11.93 -1.39 11.42
N ARG A 99 -12.60 -2.30 12.13
CA ARG A 99 -13.05 -3.57 11.56
C ARG A 99 -14.46 -3.84 12.08
N SER A 100 -15.36 -4.24 11.18
CA SER A 100 -16.76 -4.42 11.53
C SER A 100 -17.26 -5.74 11.00
N LYS A 101 -18.06 -6.43 11.81
CA LYS A 101 -18.69 -7.69 11.42
C LYS A 101 -20.10 -7.71 12.00
N GLN A 102 -21.11 -7.50 11.14
CA GLN A 102 -22.51 -7.51 11.53
C GLN A 102 -22.73 -6.40 12.55
N ASP A 103 -23.19 -6.69 13.75
CA ASP A 103 -23.40 -5.68 14.78
C ASP A 103 -22.16 -5.47 15.65
N LYS A 104 -21.01 -5.96 15.22
CA LYS A 104 -19.77 -5.84 15.98
C LYS A 104 -18.88 -4.81 15.30
N ILE A 105 -18.31 -3.90 16.09
CA ILE A 105 -17.35 -2.92 15.61
C ILE A 105 -16.12 -2.99 16.49
N LEU A 106 -14.97 -3.24 15.88
CA LEU A 106 -13.70 -3.28 16.59
C LEU A 106 -12.82 -2.15 16.07
N ALA A 107 -12.45 -1.24 16.97
CA ALA A 107 -11.50 -0.18 16.66
C ALA A 107 -10.39 -0.20 17.71
N CYS A 108 -9.20 0.24 17.31
CA CYS A 108 -8.03 0.09 18.15
C CYS A 108 -7.22 1.38 18.15
N ALA A 109 -6.41 1.54 19.20
CA ALA A 109 -5.51 2.69 19.38
C ALA A 109 -4.09 2.15 19.55
N PRO A 110 -3.33 2.04 18.46
CA PRO A 110 -2.02 1.37 18.55
C PRO A 110 -0.99 2.15 19.35
N LEU A 111 -1.11 3.48 19.43
CA LEU A 111 -0.15 4.29 20.18
C LEU A 111 -0.65 4.63 21.57
N TYR A 112 -1.64 3.88 22.08
CA TYR A 112 -2.07 4.01 23.45
C TYR A 112 -0.97 3.53 24.39
N HIS A 113 -0.55 4.40 25.31
CA HIS A 113 0.43 4.07 26.34
C HIS A 113 -0.24 3.93 27.69
N TRP A 114 0.34 3.10 28.56
CA TRP A 114 -0.15 2.96 29.91
C TRP A 114 1.03 2.84 30.87
N ARG A 115 0.70 2.90 32.16
CA ARG A 115 1.71 3.05 33.20
C ARG A 115 2.36 1.73 33.59
N THR A 116 1.66 0.61 33.38
CA THR A 116 1.88 -0.66 34.05
C THR A 116 1.52 -0.55 35.52
N GLU A 117 1.30 -1.67 36.19
CA GLU A 117 0.89 -1.68 37.59
C GLU A 117 2.05 -1.96 38.54
N MET A 118 3.26 -2.15 38.01
CA MET A 118 4.45 -2.43 38.82
C MET A 118 5.29 -1.19 39.11
N LYS A 119 5.41 -0.30 38.13
CA LYS A 119 6.18 0.94 38.31
C LYS A 119 5.60 2.00 37.38
N GLN A 120 6.18 3.20 37.46
CA GLN A 120 5.69 4.34 36.69
C GLN A 120 6.41 4.37 35.35
N GLU A 121 5.87 3.61 34.39
CA GLU A 121 6.38 3.56 33.03
C GLU A 121 5.37 4.23 32.09
N ARG A 122 5.68 4.16 30.79
CA ARG A 122 4.83 4.71 29.74
C ARG A 122 5.00 3.81 28.51
N GLU A 123 4.28 2.69 28.52
CA GLU A 123 4.56 1.63 27.56
C GLU A 123 3.42 1.50 26.56
N PRO A 124 3.74 1.57 25.16
CA PRO A 124 2.69 1.51 24.12
C PRO A 124 2.15 0.10 23.88
N VAL A 125 1.28 -0.35 24.78
CA VAL A 125 0.72 -1.70 24.66
C VAL A 125 -0.42 -1.76 23.66
N GLY A 126 -0.99 -0.63 23.27
CA GLY A 126 -2.14 -0.61 22.39
C GLY A 126 -3.39 -1.07 23.08
N THR A 127 -4.54 -0.52 22.67
CA THR A 127 -5.82 -0.94 23.23
C THR A 127 -6.88 -0.87 22.15
N CYS A 128 -7.92 -1.68 22.31
CA CYS A 128 -9.05 -1.70 21.40
C CYS A 128 -10.34 -1.56 22.18
N PHE A 129 -11.33 -0.95 21.54
CA PHE A 129 -12.69 -0.89 22.04
C PHE A 129 -13.58 -1.70 21.12
N LEU A 130 -14.36 -2.61 21.69
CA LEU A 130 -15.27 -3.46 20.95
C LEU A 130 -16.70 -3.06 21.28
N GLN A 131 -17.52 -2.90 20.25
CA GLN A 131 -18.91 -2.49 20.40
C GLN A 131 -19.79 -3.56 19.78
N ASP A 132 -20.39 -4.39 20.63
CA ASP A 132 -21.31 -5.44 20.20
C ASP A 132 -22.72 -4.99 20.58
N GLY A 133 -23.48 -4.53 19.58
CA GLY A 133 -24.83 -4.06 19.81
C GLY A 133 -24.91 -2.88 20.75
N THR A 134 -25.26 -3.14 22.01
CA THR A 134 -25.39 -2.10 23.02
C THR A 134 -24.15 -1.99 23.90
N LYS A 135 -23.66 -3.12 24.42
CA LYS A 135 -22.52 -3.09 25.33
C LYS A 135 -21.24 -2.76 24.56
N THR A 136 -20.45 -1.84 25.12
CA THR A 136 -19.15 -1.48 24.58
C THR A 136 -18.09 -1.83 25.59
N VAL A 137 -17.12 -2.65 25.18
CA VAL A 137 -16.08 -3.13 26.07
C VAL A 137 -14.71 -2.74 25.50
N GLU A 138 -13.72 -2.72 26.39
CA GLU A 138 -12.34 -2.50 26.00
C GLU A 138 -11.64 -3.84 25.84
N TYR A 139 -10.66 -3.87 24.93
CA TYR A 139 -9.93 -5.09 24.61
C TYR A 139 -8.47 -4.72 24.41
N ALA A 140 -7.63 -5.05 25.38
CA ALA A 140 -6.20 -4.78 25.32
C ALA A 140 -5.46 -6.04 25.74
N PRO A 141 -5.32 -7.02 24.85
CA PRO A 141 -4.69 -8.28 25.24
C PRO A 141 -3.19 -8.15 25.49
N CYS A 142 -2.57 -7.06 25.07
CA CYS A 142 -1.16 -6.82 25.34
C CYS A 142 -0.93 -5.99 26.60
N ARG A 143 -1.99 -5.40 27.15
CA ARG A 143 -1.89 -4.66 28.40
C ARG A 143 -1.94 -5.69 29.53
N SER A 144 -0.78 -6.30 29.78
CA SER A 144 -0.68 -7.42 30.71
C SER A 144 0.36 -7.10 31.78
N GLN A 145 0.70 -8.13 32.57
CA GLN A 145 1.79 -8.03 33.52
C GLN A 145 3.13 -8.40 32.90
N ASP A 146 3.12 -8.92 31.66
CA ASP A 146 4.35 -9.16 30.90
C ASP A 146 4.76 -7.83 30.29
N ILE A 147 5.46 -7.02 31.08
CA ILE A 147 5.71 -5.62 30.74
C ILE A 147 7.07 -5.46 30.08
N ASP A 148 7.37 -4.24 29.65
CA ASP A 148 8.64 -3.85 29.04
C ASP A 148 8.82 -4.48 27.66
N ALA A 149 9.86 -4.05 26.94
CA ALA A 149 10.05 -4.45 25.56
C ALA A 149 10.26 -5.95 25.43
N ASP A 150 10.95 -6.56 26.40
CA ASP A 150 11.14 -8.01 26.37
C ASP A 150 9.81 -8.74 26.36
N GLY A 151 8.78 -8.16 26.98
CA GLY A 151 7.46 -8.76 26.99
C GLY A 151 6.52 -8.10 26.01
N GLN A 152 5.35 -7.66 26.50
CA GLN A 152 4.33 -7.04 25.67
C GLN A 152 4.21 -5.54 25.94
N GLY A 153 5.22 -4.93 26.54
CA GLY A 153 5.15 -3.51 26.87
C GLY A 153 5.04 -2.62 25.65
N PHE A 154 5.65 -3.02 24.54
CA PHE A 154 5.69 -2.21 23.33
C PHE A 154 4.97 -2.90 22.18
N CYS A 155 3.97 -3.73 22.53
CA CYS A 155 3.35 -4.61 21.56
C CYS A 155 2.52 -3.83 20.54
N GLN A 156 1.90 -2.73 20.97
CA GLN A 156 1.00 -1.95 20.11
C GLN A 156 -0.11 -2.83 19.55
N GLY A 157 -0.82 -3.50 20.46
CA GLY A 157 -1.91 -4.37 20.04
C GLY A 157 -2.99 -3.59 19.30
N GLY A 158 -3.54 -4.21 18.28
CA GLY A 158 -4.50 -3.54 17.42
C GLY A 158 -3.89 -2.79 16.26
N PHE A 159 -2.58 -2.91 16.06
CA PHE A 159 -1.94 -2.29 14.90
C PHE A 159 -2.59 -2.76 13.61
N SER A 160 -2.99 -4.03 13.57
CA SER A 160 -3.85 -4.55 12.53
C SER A 160 -4.85 -5.51 13.19
N ILE A 161 -6.06 -5.56 12.64
CA ILE A 161 -7.13 -6.38 13.20
C ILE A 161 -7.93 -7.00 12.06
N ASP A 162 -8.73 -7.99 12.42
CA ASP A 162 -9.62 -8.68 11.49
C ASP A 162 -10.59 -9.54 12.29
N PHE A 163 -11.69 -9.91 11.64
CA PHE A 163 -12.66 -10.86 12.18
C PHE A 163 -12.58 -12.16 11.41
N THR A 164 -12.79 -13.27 12.11
CA THR A 164 -12.97 -14.56 11.44
C THR A 164 -14.46 -14.79 11.18
N LYS A 165 -14.75 -15.86 10.44
CA LYS A 165 -16.14 -16.20 10.14
C LYS A 165 -16.84 -16.93 11.29
N ALA A 166 -16.10 -17.34 12.32
CA ALA A 166 -16.65 -18.00 13.49
C ALA A 166 -16.55 -17.13 14.75
N ASP A 167 -16.56 -15.81 14.56
CA ASP A 167 -16.60 -14.84 15.66
C ASP A 167 -15.36 -14.94 16.56
N ARG A 168 -14.19 -14.97 15.93
CA ARG A 168 -12.92 -14.76 16.61
C ARG A 168 -12.28 -13.49 16.06
N VAL A 169 -11.70 -12.71 16.96
CA VAL A 169 -10.94 -11.54 16.56
C VAL A 169 -9.50 -11.98 16.33
N LEU A 170 -8.86 -11.39 15.32
CA LEU A 170 -7.43 -11.58 15.08
C LEU A 170 -6.76 -10.22 15.23
N LEU A 171 -5.84 -10.12 16.18
CA LEU A 171 -5.15 -8.87 16.49
C LEU A 171 -3.66 -9.04 16.30
N GLY A 172 -3.04 -8.05 15.67
CA GLY A 172 -1.60 -8.05 15.43
C GLY A 172 -0.91 -7.03 16.33
N GLY A 173 0.14 -7.48 16.99
CA GLY A 173 0.96 -6.61 17.81
C GLY A 173 2.41 -6.72 17.42
N PRO A 174 2.88 -5.81 16.57
CA PRO A 174 4.22 -5.96 15.96
C PRO A 174 5.38 -5.76 16.92
N GLY A 175 5.15 -5.24 18.12
CA GLY A 175 6.26 -4.90 19.00
C GLY A 175 6.55 -5.91 20.09
N SER A 176 5.70 -6.93 20.22
CA SER A 176 5.88 -7.91 21.28
C SER A 176 7.25 -8.56 21.20
N PHE A 177 7.84 -8.83 22.37
CA PHE A 177 9.04 -9.65 22.50
C PHE A 177 10.21 -9.07 21.70
N TYR A 178 10.54 -7.81 22.02
CA TYR A 178 11.58 -7.07 21.31
C TYR A 178 11.30 -7.05 19.80
N TRP A 179 10.05 -6.74 19.47
CA TRP A 179 9.60 -6.51 18.11
C TRP A 179 9.70 -7.76 17.23
N GLN A 180 9.71 -8.94 17.85
CA GLN A 180 9.35 -10.16 17.13
C GLN A 180 7.95 -10.06 16.57
N GLY A 181 7.07 -9.33 17.27
CA GLY A 181 5.68 -9.26 16.90
C GLY A 181 4.89 -10.41 17.48
N GLN A 182 3.57 -10.28 17.39
CA GLN A 182 2.69 -11.30 17.94
C GLN A 182 1.34 -11.21 17.27
N LEU A 183 0.70 -12.38 17.12
CA LEU A 183 -0.69 -12.48 16.73
C LEU A 183 -1.48 -12.95 17.94
N ILE A 184 -2.56 -12.24 18.26
CA ILE A 184 -3.45 -12.62 19.35
C ILE A 184 -4.84 -12.83 18.78
N SER A 185 -5.48 -13.93 19.18
CA SER A 185 -6.83 -14.25 18.73
C SER A 185 -7.69 -14.61 19.94
N ASP A 186 -8.80 -13.90 20.10
CA ASP A 186 -9.75 -14.16 21.17
C ASP A 186 -11.15 -14.29 20.59
N GLN A 187 -11.95 -15.15 21.23
CA GLN A 187 -13.36 -15.27 20.89
C GLN A 187 -14.11 -14.03 21.35
N VAL A 188 -14.94 -13.49 20.46
CA VAL A 188 -15.64 -12.23 20.75
C VAL A 188 -16.52 -12.37 21.97
N ALA A 189 -17.05 -13.56 22.23
CA ALA A 189 -17.93 -13.75 23.39
C ALA A 189 -17.15 -13.68 24.69
N GLU A 190 -15.95 -14.27 24.72
CA GLU A 190 -15.15 -14.20 25.93
C GLU A 190 -14.62 -12.79 26.17
N ILE A 191 -14.41 -12.01 25.10
CA ILE A 191 -13.94 -10.63 25.25
C ILE A 191 -14.99 -9.79 25.98
N VAL A 192 -16.25 -9.93 25.57
CA VAL A 192 -17.29 -9.10 26.16
C VAL A 192 -17.72 -9.60 27.53
N SER A 193 -17.76 -10.93 27.71
CA SER A 193 -18.26 -11.48 28.96
C SER A 193 -17.29 -11.22 30.11
N LYS A 194 -16.00 -11.33 29.87
CA LYS A 194 -14.99 -11.16 30.90
C LYS A 194 -14.53 -9.72 31.03
N TYR A 195 -15.16 -8.78 30.33
CA TYR A 195 -14.74 -7.38 30.45
C TYR A 195 -15.14 -6.83 31.81
N ASP A 196 -14.20 -6.13 32.45
CA ASP A 196 -14.41 -5.48 33.74
C ASP A 196 -13.59 -4.19 33.74
N PRO A 197 -14.24 -3.02 33.83
CA PRO A 197 -13.50 -1.75 33.75
C PRO A 197 -12.55 -1.51 34.91
N ASN A 198 -12.58 -2.34 35.95
CA ASN A 198 -11.66 -2.23 37.07
C ASN A 198 -10.54 -3.27 37.00
N VAL A 199 -10.50 -4.09 35.95
CA VAL A 199 -9.45 -5.07 35.73
C VAL A 199 -8.70 -4.67 34.47
N TYR A 200 -7.41 -4.39 34.61
CA TYR A 200 -6.62 -3.87 33.51
C TYR A 200 -5.89 -4.96 32.72
N SER A 201 -5.82 -6.17 33.25
CA SER A 201 -5.17 -7.31 32.58
C SER A 201 -6.13 -8.50 32.69
N ILE A 202 -6.95 -8.68 31.67
CA ILE A 202 -7.97 -9.72 31.66
C ILE A 202 -7.41 -10.96 30.99
N LYS A 203 -7.59 -12.11 31.62
CA LYS A 203 -7.14 -13.38 31.09
C LYS A 203 -8.30 -14.08 30.38
N TYR A 204 -8.08 -14.45 29.13
CA TYR A 204 -9.09 -15.16 28.34
C TYR A 204 -8.66 -16.60 28.15
N ASN A 205 -9.58 -17.54 28.38
CA ASN A 205 -9.22 -18.95 28.40
C ASN A 205 -9.01 -19.50 27.00
N ASN A 206 -9.89 -19.13 26.05
CA ASN A 206 -9.80 -19.60 24.68
C ASN A 206 -8.89 -18.74 23.82
N GLN A 207 -7.92 -18.05 24.42
CA GLN A 207 -7.04 -17.17 23.68
C GLN A 207 -6.01 -17.97 22.90
N LEU A 208 -5.83 -17.60 21.63
CA LEU A 208 -4.75 -18.12 20.80
C LEU A 208 -3.73 -17.00 20.58
N ALA A 209 -2.47 -17.26 20.91
CA ALA A 209 -1.44 -16.26 20.76
C ALA A 209 -0.12 -16.93 20.39
N THR A 210 0.64 -16.27 19.53
CA THR A 210 1.99 -16.73 19.24
C THR A 210 2.90 -16.46 20.44
N ARG A 211 3.90 -17.31 20.60
CA ARG A 211 4.80 -17.26 21.74
C ARG A 211 6.12 -16.59 21.35
N THR A 212 6.87 -16.18 22.38
CA THR A 212 8.18 -15.58 22.16
C THR A 212 9.16 -16.64 21.66
N ALA A 213 10.01 -16.25 20.71
CA ALA A 213 10.95 -17.15 20.09
C ALA A 213 12.38 -16.69 20.38
N GLN A 214 13.35 -17.34 19.73
CA GLN A 214 14.76 -17.02 19.94
C GLN A 214 15.06 -15.61 19.47
N ALA A 215 16.16 -15.06 20.01
CA ALA A 215 16.52 -13.66 19.75
C ALA A 215 16.80 -13.39 18.27
N ILE A 216 17.08 -14.42 17.48
CA ILE A 216 17.33 -14.21 16.06
C ILE A 216 16.08 -13.68 15.36
N PHE A 217 14.91 -14.01 15.90
CA PHE A 217 13.65 -13.56 15.33
C PHE A 217 13.22 -12.18 15.82
N ASP A 218 14.02 -11.54 16.67
CA ASP A 218 13.75 -10.15 17.04
C ASP A 218 13.77 -9.27 15.80
N ASP A 219 13.08 -8.14 15.87
CA ASP A 219 13.05 -7.17 14.78
C ASP A 219 12.40 -7.77 13.53
N SER A 220 11.24 -8.40 13.73
CA SER A 220 10.50 -9.02 12.64
C SER A 220 9.18 -8.33 12.31
N TYR A 221 8.53 -7.72 13.31
CA TYR A 221 7.27 -7.01 13.13
C TYR A 221 6.13 -7.93 12.69
N LEU A 222 6.07 -9.13 13.27
CA LEU A 222 4.90 -9.97 13.07
C LEU A 222 3.65 -9.28 13.59
N GLY A 223 2.58 -9.30 12.81
CA GLY A 223 1.39 -8.56 13.16
C GLY A 223 1.31 -7.17 12.56
N TYR A 224 2.26 -6.82 11.69
CA TYR A 224 2.21 -5.53 11.01
C TYR A 224 0.94 -5.40 10.17
N SER A 225 0.52 -6.50 9.55
CA SER A 225 -0.75 -6.59 8.84
C SER A 225 -1.31 -7.99 9.06
N VAL A 226 -2.63 -8.13 8.91
CA VAL A 226 -3.30 -9.40 9.13
C VAL A 226 -4.40 -9.61 8.09
N ALA A 227 -4.80 -10.87 7.95
CA ALA A 227 -5.88 -11.28 7.06
C ALA A 227 -6.30 -12.69 7.47
N VAL A 228 -7.50 -13.08 7.05
CA VAL A 228 -8.05 -14.37 7.44
C VAL A 228 -8.54 -15.12 6.20
N GLY A 229 -8.53 -16.44 6.31
CA GLY A 229 -8.93 -17.33 5.23
C GLY A 229 -8.58 -18.76 5.58
N ASP A 230 -9.30 -19.73 5.03
CA ASP A 230 -9.04 -21.13 5.31
C ASP A 230 -7.95 -21.65 4.39
N PHE A 231 -6.95 -22.32 4.98
CA PHE A 231 -5.80 -22.80 4.22
C PHE A 231 -5.42 -24.24 4.51
N ASN A 232 -6.19 -24.94 5.34
CA ASN A 232 -6.03 -26.39 5.50
C ASN A 232 -7.35 -27.13 5.31
N GLY A 233 -8.35 -26.48 4.73
CA GLY A 233 -9.60 -27.13 4.37
C GLY A 233 -10.40 -27.73 5.51
N ASP A 234 -10.52 -27.01 6.62
CA ASP A 234 -11.32 -27.47 7.76
C ASP A 234 -12.42 -26.50 8.15
N GLY A 235 -12.70 -25.49 7.32
CA GLY A 235 -13.74 -24.53 7.60
C GLY A 235 -13.39 -23.45 8.58
N ILE A 236 -12.29 -23.57 9.29
CA ILE A 236 -11.88 -22.58 10.29
C ILE A 236 -10.93 -21.59 9.61
N ASP A 237 -11.28 -20.31 9.67
CA ASP A 237 -10.42 -19.27 9.10
C ASP A 237 -9.06 -19.28 9.79
N ASP A 238 -8.01 -19.29 8.99
CA ASP A 238 -6.65 -19.30 9.49
C ASP A 238 -6.04 -17.90 9.42
N PHE A 239 -4.93 -17.71 10.13
CA PHE A 239 -4.36 -16.40 10.37
C PHE A 239 -3.22 -16.13 9.40
N VAL A 240 -3.36 -15.09 8.59
CA VAL A 240 -2.31 -14.64 7.68
C VAL A 240 -1.81 -13.31 8.20
N SER A 241 -0.49 -13.12 8.19
CA SER A 241 0.09 -11.90 8.73
C SER A 241 1.41 -11.60 8.04
N GLY A 242 1.59 -10.32 7.69
CA GLY A 242 2.86 -9.88 7.16
C GLY A 242 3.88 -9.70 8.26
N VAL A 243 5.12 -10.12 7.98
CA VAL A 243 6.23 -10.00 8.92
C VAL A 243 7.34 -9.25 8.19
N PRO A 244 7.19 -7.93 8.01
CA PRO A 244 7.97 -7.25 6.96
C PRO A 244 9.46 -7.13 7.22
N ARG A 245 9.93 -7.22 8.46
CA ARG A 245 11.36 -7.14 8.73
C ARG A 245 11.99 -8.51 8.95
N ALA A 246 11.22 -9.59 8.87
CA ALA A 246 11.75 -10.92 9.02
C ALA A 246 12.73 -11.25 7.89
N ALA A 247 13.48 -12.33 8.08
CA ALA A 247 14.49 -12.78 7.12
C ALA A 247 15.44 -11.64 6.74
N ARG A 248 15.87 -10.88 7.75
CA ARG A 248 16.85 -9.82 7.54
C ARG A 248 16.37 -8.80 6.52
N THR A 249 15.16 -8.28 6.74
CA THR A 249 14.47 -7.28 5.92
C THR A 249 14.12 -7.78 4.53
N LEU A 250 14.28 -9.07 4.26
CA LEU A 250 13.68 -9.68 3.08
C LEU A 250 12.16 -9.68 3.19
N GLY A 251 11.64 -9.76 4.41
CA GLY A 251 10.22 -9.76 4.66
C GLY A 251 9.62 -11.15 4.48
N MET A 252 8.62 -11.48 5.29
CA MET A 252 7.94 -12.76 5.20
C MET A 252 6.47 -12.58 5.49
N VAL A 253 5.70 -13.64 5.21
CA VAL A 253 4.29 -13.72 5.55
C VAL A 253 4.08 -15.07 6.24
N TYR A 254 3.55 -15.03 7.45
CA TYR A 254 3.26 -16.24 8.22
C TYR A 254 1.79 -16.59 8.09
N ILE A 255 1.50 -17.88 7.96
CA ILE A 255 0.14 -18.39 8.04
C ILE A 255 0.06 -19.34 9.22
N TYR A 256 -0.89 -19.09 10.12
CA TYR A 256 -1.10 -19.91 11.30
C TYR A 256 -2.48 -20.53 11.25
N ASP A 257 -2.59 -21.77 11.74
CA ASP A 257 -3.89 -22.41 11.87
C ASP A 257 -4.76 -21.64 12.85
N GLY A 258 -6.03 -21.45 12.48
CA GLY A 258 -6.94 -20.66 13.28
C GLY A 258 -7.59 -21.44 14.42
N LYS A 259 -7.02 -22.58 14.76
CA LYS A 259 -7.52 -23.41 15.84
C LYS A 259 -6.49 -23.62 16.95
N ASN A 260 -5.21 -23.79 16.61
CA ASN A 260 -4.18 -24.04 17.60
C ASN A 260 -2.93 -23.17 17.40
N MET A 261 -3.00 -22.17 16.52
CA MET A 261 -1.90 -21.23 16.28
C MET A 261 -0.64 -21.91 15.76
N SER A 262 -0.76 -23.11 15.19
CA SER A 262 0.39 -23.78 14.60
C SER A 262 0.72 -23.15 13.25
N SER A 263 2.01 -23.13 12.92
CA SER A 263 2.45 -22.56 11.66
C SER A 263 2.06 -23.47 10.50
N LEU A 264 1.44 -22.91 9.47
CA LEU A 264 0.98 -23.66 8.31
C LEU A 264 1.86 -23.45 7.09
N TYR A 265 2.05 -22.19 6.67
CA TYR A 265 2.84 -21.90 5.48
C TYR A 265 3.60 -20.61 5.69
N ASN A 266 4.68 -20.46 4.90
CA ASN A 266 5.49 -19.26 4.90
C ASN A 266 5.71 -18.77 3.48
N PHE A 267 5.71 -17.45 3.31
CA PHE A 267 6.18 -16.80 2.10
C PHE A 267 7.34 -15.89 2.47
N THR A 268 8.29 -15.74 1.55
CA THR A 268 9.48 -14.93 1.79
C THR A 268 9.66 -13.96 0.64
N GLY A 269 9.90 -12.70 0.96
CA GLY A 269 10.27 -11.74 -0.06
C GLY A 269 11.57 -12.12 -0.73
N GLU A 270 11.81 -11.51 -1.90
CA GLU A 270 12.98 -11.83 -2.71
C GLU A 270 13.87 -10.62 -2.95
N GLN A 271 13.59 -9.48 -2.31
CA GLN A 271 14.41 -8.29 -2.45
C GLN A 271 14.54 -7.59 -1.11
N MET A 272 15.75 -7.13 -0.81
CA MET A 272 16.01 -6.47 0.47
C MET A 272 15.21 -5.18 0.58
N ALA A 273 14.60 -4.98 1.75
CA ALA A 273 13.95 -3.71 2.11
C ALA A 273 12.85 -3.32 1.14
N ALA A 274 12.18 -4.30 0.54
CA ALA A 274 11.00 -4.02 -0.28
C ALA A 274 9.73 -3.92 0.55
N TYR A 275 9.82 -4.22 1.85
CA TYR A 275 8.67 -4.22 2.76
C TYR A 275 7.63 -5.24 2.33
N PHE A 276 8.10 -6.40 1.86
CA PHE A 276 7.27 -7.58 1.63
C PHE A 276 6.49 -7.91 2.89
N GLY A 277 5.17 -7.78 2.83
CA GLY A 277 4.31 -8.03 3.98
C GLY A 277 3.67 -6.77 4.56
N PHE A 278 3.93 -5.60 3.98
CA PHE A 278 3.28 -4.37 4.44
C PHE A 278 1.76 -4.53 4.44
N SER A 279 1.21 -5.17 3.42
CA SER A 279 -0.21 -5.43 3.34
C SER A 279 -0.41 -6.85 2.84
N VAL A 280 -1.45 -7.51 3.36
CA VAL A 280 -1.83 -8.84 2.92
C VAL A 280 -3.35 -8.88 2.79
N ALA A 281 -3.82 -9.81 1.96
CA ALA A 281 -5.24 -10.01 1.76
C ALA A 281 -5.47 -11.46 1.36
N ALA A 282 -6.66 -11.96 1.68
CA ALA A 282 -7.03 -13.34 1.38
C ALA A 282 -8.44 -13.36 0.82
N THR A 283 -8.58 -13.81 -0.43
CA THR A 283 -9.88 -13.98 -1.08
C THR A 283 -9.73 -14.96 -2.23
N ASP A 284 -10.75 -15.78 -2.45
CA ASP A 284 -10.76 -16.71 -3.57
C ASP A 284 -10.95 -15.93 -4.86
N ILE A 285 -9.91 -15.89 -5.71
CA ILE A 285 -9.93 -15.04 -6.88
C ILE A 285 -10.31 -15.79 -8.16
N ASN A 286 -10.18 -17.12 -8.19
CA ASN A 286 -10.40 -17.89 -9.40
C ASN A 286 -11.60 -18.84 -9.28
N GLY A 287 -12.50 -18.57 -8.34
CA GLY A 287 -13.76 -19.31 -8.27
C GLY A 287 -13.63 -20.79 -8.03
N ASP A 288 -12.74 -21.20 -7.12
CA ASP A 288 -12.63 -22.60 -6.71
C ASP A 288 -12.87 -22.79 -5.22
N ASP A 289 -13.29 -21.73 -4.51
CA ASP A 289 -13.56 -21.71 -3.07
C ASP A 289 -12.31 -21.93 -2.22
N TYR A 290 -11.12 -21.86 -2.82
CA TYR A 290 -9.86 -21.85 -2.07
C TYR A 290 -9.36 -20.41 -2.01
N ALA A 291 -9.34 -19.83 -0.82
CA ALA A 291 -8.86 -18.47 -0.65
C ALA A 291 -7.44 -18.35 -1.17
N ASP A 292 -7.13 -17.20 -1.76
CA ASP A 292 -5.83 -16.94 -2.36
C ASP A 292 -5.16 -15.78 -1.63
N VAL A 293 -3.81 -15.81 -1.59
CA VAL A 293 -3.03 -14.89 -0.78
C VAL A 293 -2.49 -13.77 -1.66
N PHE A 294 -2.68 -12.53 -1.20
CA PHE A 294 -2.15 -11.35 -1.87
C PHE A 294 -1.21 -10.64 -0.91
N ILE A 295 0.06 -10.52 -1.30
CA ILE A 295 1.10 -9.97 -0.45
C ILE A 295 1.65 -8.72 -1.11
N GLY A 296 1.55 -7.58 -0.42
CA GLY A 296 2.04 -6.32 -0.94
C GLY A 296 3.47 -6.06 -0.51
N ALA A 297 4.29 -5.59 -1.46
CA ALA A 297 5.66 -5.18 -1.22
C ALA A 297 5.85 -3.83 -1.88
N PRO A 298 5.38 -2.75 -1.25
CA PRO A 298 5.28 -1.46 -1.93
C PRO A 298 6.61 -0.85 -2.32
N LEU A 299 7.73 -1.36 -1.80
CA LEU A 299 9.05 -0.80 -2.09
C LEU A 299 9.84 -1.66 -3.06
N PHE A 300 9.24 -2.70 -3.61
CA PHE A 300 9.96 -3.56 -4.55
C PHE A 300 10.46 -2.76 -5.74
N MET A 301 11.71 -2.98 -6.11
CA MET A 301 12.35 -2.33 -7.25
C MET A 301 12.50 -3.35 -8.37
N ASP A 302 11.96 -3.04 -9.53
CA ASP A 302 12.13 -3.88 -10.71
C ASP A 302 13.09 -3.20 -11.67
N ARG A 303 13.36 -3.89 -12.79
CA ARG A 303 14.26 -3.38 -13.81
C ARG A 303 13.50 -2.52 -14.81
N GLY A 304 14.07 -1.36 -15.13
CA GLY A 304 13.52 -0.50 -16.17
C GLY A 304 13.99 -0.92 -17.54
N SER A 305 13.60 -0.13 -18.53
CA SER A 305 14.04 -0.38 -19.90
C SER A 305 15.54 -0.27 -20.04
N ASP A 306 16.17 0.59 -19.24
CA ASP A 306 17.62 0.80 -19.27
C ASP A 306 18.37 -0.21 -18.41
N GLY A 307 17.68 -1.16 -17.79
CA GLY A 307 18.32 -2.12 -16.92
C GLY A 307 18.55 -1.67 -15.50
N LYS A 308 18.29 -0.40 -15.19
CA LYS A 308 18.48 0.12 -13.83
C LYS A 308 17.23 -0.10 -12.98
N LEU A 309 17.45 -0.34 -11.69
CA LEU A 309 16.34 -0.57 -10.78
C LEU A 309 15.46 0.66 -10.69
N GLN A 310 14.17 0.43 -10.42
CA GLN A 310 13.21 1.50 -10.16
C GLN A 310 12.17 0.99 -9.17
N GLU A 311 11.92 1.77 -8.13
CA GLU A 311 10.96 1.39 -7.09
C GLU A 311 9.55 1.58 -7.62
N VAL A 312 8.83 0.48 -7.80
CA VAL A 312 7.48 0.52 -8.37
C VAL A 312 6.53 -0.26 -7.48
N GLY A 313 7.07 -1.08 -6.60
CA GLY A 313 6.25 -1.91 -5.74
C GLY A 313 5.76 -3.16 -6.44
N GLN A 314 5.42 -4.18 -5.66
CA GLN A 314 5.02 -5.46 -6.24
C GLN A 314 3.99 -6.13 -5.34
N VAL A 315 3.02 -6.78 -5.97
CA VAL A 315 2.07 -7.65 -5.29
C VAL A 315 2.25 -9.06 -5.84
N SER A 316 2.39 -10.03 -4.96
CA SER A 316 2.44 -11.43 -5.35
C SER A 316 1.05 -12.05 -5.18
N VAL A 317 0.62 -12.80 -6.19
CA VAL A 317 -0.68 -13.46 -6.20
C VAL A 317 -0.44 -14.95 -6.04
N SER A 318 -0.89 -15.51 -4.92
CA SER A 318 -0.65 -16.92 -4.60
C SER A 318 -1.99 -17.63 -4.58
N LEU A 319 -2.20 -18.50 -5.57
CA LEU A 319 -3.44 -19.28 -5.68
C LEU A 319 -3.28 -20.56 -4.87
N GLN A 320 -4.15 -20.74 -3.87
CA GLN A 320 -4.11 -21.93 -3.03
C GLN A 320 -4.55 -23.13 -3.85
N ARG A 321 -3.61 -24.00 -4.20
CA ARG A 321 -3.94 -25.24 -4.87
C ARG A 321 -4.63 -26.18 -3.89
N ALA A 322 -5.48 -27.06 -4.44
CA ALA A 322 -6.17 -28.03 -3.60
C ALA A 322 -5.20 -28.97 -2.90
N SER A 323 -4.05 -29.24 -3.53
CA SER A 323 -3.03 -30.11 -2.95
C SER A 323 -2.28 -29.45 -1.79
N GLY A 324 -2.66 -28.25 -1.39
CA GLY A 324 -1.99 -27.54 -0.32
C GLY A 324 -0.88 -26.61 -0.78
N ASP A 325 -0.35 -26.81 -1.98
CA ASP A 325 0.72 -25.97 -2.49
C ASP A 325 0.16 -24.60 -2.89
N PHE A 326 0.99 -23.79 -3.52
CA PHE A 326 0.57 -22.48 -4.02
C PHE A 326 1.16 -22.26 -5.40
N GLN A 327 0.34 -21.79 -6.32
CA GLN A 327 0.79 -21.31 -7.63
C GLN A 327 0.91 -19.80 -7.54
N THR A 328 2.14 -19.30 -7.49
CA THR A 328 2.41 -17.89 -7.22
C THR A 328 2.85 -17.19 -8.49
N THR A 329 2.25 -16.03 -8.76
CA THR A 329 2.70 -15.09 -9.78
C THR A 329 2.91 -13.74 -9.12
N LYS A 330 3.43 -12.79 -9.90
CA LYS A 330 3.78 -11.48 -9.36
C LYS A 330 3.27 -10.36 -10.26
N LEU A 331 2.76 -9.31 -9.63
CA LEU A 331 2.17 -8.16 -10.30
C LEU A 331 2.97 -6.93 -9.90
N ASN A 332 3.63 -6.31 -10.88
CA ASN A 332 4.48 -5.14 -10.62
C ASN A 332 3.69 -3.86 -10.80
N GLY A 333 4.06 -2.85 -10.01
CA GLY A 333 3.46 -1.54 -10.14
C GLY A 333 3.87 -0.87 -11.43
N PHE A 334 3.21 0.26 -11.71
CA PHE A 334 3.35 0.96 -12.97
C PHE A 334 4.12 2.27 -12.85
N GLU A 335 4.09 2.92 -11.69
CA GLU A 335 4.70 4.23 -11.50
C GLU A 335 5.80 4.16 -10.45
N VAL A 336 6.91 4.86 -10.72
CA VAL A 336 8.01 4.92 -9.77
C VAL A 336 7.58 5.68 -8.52
N PHE A 337 7.93 5.12 -7.36
CA PHE A 337 7.68 5.70 -6.04
C PHE A 337 6.20 5.80 -5.69
N ALA A 338 5.32 5.19 -6.50
CA ALA A 338 3.90 5.22 -6.21
C ALA A 338 3.50 4.26 -5.09
N ARG A 339 4.37 3.31 -4.76
CA ARG A 339 4.12 2.32 -3.70
C ARG A 339 2.88 1.49 -4.02
N PHE A 340 2.81 0.99 -5.25
CA PHE A 340 1.84 -0.01 -5.63
C PHE A 340 1.88 -1.17 -4.64
N GLY A 341 0.71 -1.59 -4.16
CA GLY A 341 0.62 -2.65 -3.19
C GLY A 341 0.52 -2.21 -1.75
N SER A 342 0.44 -0.90 -1.49
CA SER A 342 0.34 -0.43 -0.11
C SER A 342 -0.96 -0.90 0.55
N ALA A 343 -2.03 -1.03 -0.23
CA ALA A 343 -3.29 -1.53 0.27
C ALA A 343 -3.88 -2.47 -0.76
N ILE A 344 -4.44 -3.58 -0.29
CA ILE A 344 -5.04 -4.60 -1.13
C ILE A 344 -6.40 -4.92 -0.54
N ALA A 345 -7.46 -4.51 -1.24
CA ALA A 345 -8.82 -4.71 -0.73
C ALA A 345 -9.58 -5.68 -1.61
N PRO A 346 -9.94 -6.86 -1.11
CA PRO A 346 -10.88 -7.72 -1.83
C PRO A 346 -12.20 -6.99 -2.02
N LEU A 347 -12.70 -7.01 -3.26
CA LEU A 347 -13.90 -6.27 -3.62
C LEU A 347 -15.15 -7.13 -3.70
N GLY A 348 -15.02 -8.44 -3.47
CA GLY A 348 -16.10 -9.31 -3.82
C GLY A 348 -16.14 -9.48 -5.33
N ASP A 349 -17.34 -9.75 -5.85
CA ASP A 349 -17.56 -9.87 -7.30
C ASP A 349 -18.12 -8.55 -7.79
N LEU A 350 -17.22 -7.63 -8.13
CA LEU A 350 -17.61 -6.26 -8.46
C LEU A 350 -18.57 -6.22 -9.64
N ASP A 351 -18.43 -7.13 -10.61
CA ASP A 351 -19.27 -7.14 -11.80
C ASP A 351 -20.21 -8.34 -11.88
N GLN A 352 -20.23 -9.20 -10.86
CA GLN A 352 -21.17 -10.32 -10.78
C GLN A 352 -21.06 -11.24 -12.00
N ASP A 353 -19.83 -11.59 -12.36
CA ASP A 353 -19.57 -12.55 -13.42
C ASP A 353 -19.18 -13.92 -12.90
N GLY A 354 -19.18 -14.11 -11.57
CA GLY A 354 -18.84 -15.39 -10.99
C GLY A 354 -17.43 -15.50 -10.42
N PHE A 355 -16.64 -14.43 -10.49
CA PHE A 355 -15.26 -14.45 -10.01
C PHE A 355 -14.98 -13.19 -9.21
N ASN A 356 -14.40 -13.38 -8.01
CA ASN A 356 -14.12 -12.25 -7.13
C ASN A 356 -13.05 -11.34 -7.73
N ASP A 357 -13.08 -10.09 -7.29
CA ASP A 357 -12.19 -9.06 -7.79
C ASP A 357 -11.44 -8.42 -6.62
N ILE A 358 -10.44 -7.61 -6.95
CA ILE A 358 -9.58 -7.03 -5.93
C ILE A 358 -9.12 -5.65 -6.40
N ALA A 359 -8.90 -4.77 -5.44
CA ALA A 359 -8.32 -3.46 -5.69
C ALA A 359 -6.93 -3.40 -5.09
N ILE A 360 -6.01 -2.76 -5.80
CA ILE A 360 -4.65 -2.55 -5.34
C ILE A 360 -4.33 -1.06 -5.51
N ALA A 361 -3.89 -0.43 -4.43
CA ALA A 361 -3.69 1.01 -4.43
C ALA A 361 -2.21 1.36 -4.60
N ALA A 362 -1.96 2.45 -5.32
CA ALA A 362 -0.66 3.12 -5.38
C ALA A 362 -0.88 4.51 -4.81
N PRO A 363 -0.84 4.66 -3.49
CA PRO A 363 -1.35 5.89 -2.87
C PRO A 363 -0.58 7.14 -3.23
N TYR A 364 0.59 7.02 -3.86
CA TYR A 364 1.40 8.19 -4.20
C TYR A 364 1.64 8.31 -5.69
N GLY A 365 0.85 7.61 -6.51
CA GLY A 365 0.93 7.73 -7.95
C GLY A 365 0.01 8.81 -8.48
N GLY A 366 -0.04 8.88 -9.81
CA GLY A 366 -0.91 9.82 -10.49
C GLY A 366 -0.36 11.24 -10.47
N GLU A 367 -1.08 12.12 -11.16
CA GLU A 367 -0.69 13.52 -11.23
C GLU A 367 -0.71 14.15 -9.84
N ASP A 368 0.29 14.99 -9.58
CA ASP A 368 0.42 15.71 -8.31
C ASP A 368 0.49 14.76 -7.11
N LYS A 369 0.89 13.50 -7.36
CA LYS A 369 0.95 12.46 -6.32
C LYS A 369 -0.37 12.37 -5.55
N LYS A 370 -1.47 12.36 -6.30
CA LYS A 370 -2.79 12.34 -5.69
C LYS A 370 -3.36 10.94 -5.51
N GLY A 371 -2.64 9.91 -5.89
CA GLY A 371 -3.06 8.55 -5.57
C GLY A 371 -3.84 7.89 -6.68
N ILE A 372 -3.67 6.56 -6.79
CA ILE A 372 -4.30 5.75 -7.81
C ILE A 372 -4.78 4.45 -7.18
N VAL A 373 -5.93 3.96 -7.63
CA VAL A 373 -6.42 2.63 -7.25
C VAL A 373 -6.69 1.85 -8.51
N TYR A 374 -6.15 0.62 -8.57
CA TYR A 374 -6.29 -0.24 -9.74
C TYR A 374 -7.27 -1.36 -9.44
N ILE A 375 -8.19 -1.60 -10.38
CA ILE A 375 -9.20 -2.64 -10.24
C ILE A 375 -8.79 -3.84 -11.08
N PHE A 376 -8.72 -5.01 -10.45
CA PHE A 376 -8.35 -6.25 -11.12
C PHE A 376 -9.46 -7.26 -10.96
N ASN A 377 -9.83 -7.93 -12.06
CA ASN A 377 -10.90 -8.91 -12.06
C ASN A 377 -10.32 -10.32 -12.04
N GLY A 378 -11.01 -11.22 -11.34
CA GLY A 378 -10.63 -12.62 -11.34
C GLY A 378 -11.25 -13.38 -12.50
N ARG A 379 -10.71 -14.58 -12.74
CA ARG A 379 -11.25 -15.50 -13.73
C ARG A 379 -10.77 -16.90 -13.38
N SER A 380 -11.23 -17.88 -14.16
CA SER A 380 -11.01 -19.28 -13.82
C SER A 380 -9.54 -19.60 -13.66
N THR A 381 -8.68 -18.97 -14.46
CA THR A 381 -7.25 -19.21 -14.42
C THR A 381 -6.52 -18.34 -13.40
N GLY A 382 -7.24 -17.46 -12.71
CA GLY A 382 -6.62 -16.60 -11.71
C GLY A 382 -6.93 -15.13 -11.87
N LEU A 383 -5.98 -14.28 -11.47
CA LEU A 383 -6.18 -12.85 -11.51
C LEU A 383 -5.79 -12.30 -12.88
N ASN A 384 -6.63 -11.40 -13.41
CA ASN A 384 -6.30 -10.71 -14.65
C ASN A 384 -5.21 -9.68 -14.38
N ALA A 385 -4.04 -9.88 -14.99
CA ALA A 385 -2.89 -9.02 -14.69
C ALA A 385 -3.12 -7.58 -15.16
N VAL A 386 -3.97 -7.38 -16.15
CA VAL A 386 -4.23 -6.03 -16.64
C VAL A 386 -5.44 -5.46 -15.90
N PRO A 387 -5.33 -4.26 -15.34
CA PRO A 387 -6.48 -3.69 -14.62
C PRO A 387 -7.57 -3.25 -15.59
N SER A 388 -8.83 -3.43 -15.17
CA SER A 388 -9.96 -3.05 -16.00
C SER A 388 -10.50 -1.67 -15.67
N GLN A 389 -10.00 -1.03 -14.62
CA GLN A 389 -10.43 0.31 -14.26
C GLN A 389 -9.36 0.96 -13.41
N ILE A 390 -9.19 2.27 -13.59
CA ILE A 390 -8.23 3.06 -12.86
C ILE A 390 -8.98 4.16 -12.11
N LEU A 391 -8.93 4.13 -10.78
CA LEU A 391 -9.55 5.14 -9.94
C LEU A 391 -8.51 6.18 -9.56
N GLU A 392 -8.78 7.45 -9.90
CA GLU A 392 -7.84 8.53 -9.69
C GLU A 392 -8.29 9.42 -8.54
N GLY A 393 -7.33 9.84 -7.72
CA GLY A 393 -7.63 10.85 -6.72
C GLY A 393 -7.79 12.21 -7.34
N GLN A 394 -8.68 13.01 -6.77
CA GLN A 394 -9.02 14.32 -7.30
C GLN A 394 -8.55 15.48 -6.42
N TRP A 395 -8.02 15.20 -5.24
CA TRP A 395 -7.80 16.20 -4.20
C TRP A 395 -6.30 16.44 -4.04
N ALA A 396 -5.86 17.65 -4.31
CA ALA A 396 -4.46 18.01 -4.16
C ALA A 396 -4.10 18.10 -2.67
N ALA A 397 -2.80 18.06 -2.41
CA ALA A 397 -2.27 18.04 -1.05
C ALA A 397 -1.83 19.45 -0.64
N ARG A 398 -2.54 20.04 0.32
CA ARG A 398 -2.02 21.20 1.01
C ARG A 398 -1.90 20.89 2.48
N SER A 399 -1.09 19.88 2.79
CA SER A 399 -0.83 19.42 4.14
C SER A 399 0.56 18.84 4.19
N GLY A 400 1.00 18.44 5.38
CA GLY A 400 2.29 17.79 5.49
C GLY A 400 2.32 16.50 4.67
N CYS A 401 1.32 15.66 4.83
CA CYS A 401 1.23 14.38 4.17
C CYS A 401 0.60 14.52 2.79
N PRO A 402 1.00 13.68 1.85
CA PRO A 402 0.33 13.65 0.55
C PRO A 402 -1.09 13.12 0.70
N PRO A 403 -1.96 13.30 -0.31
CA PRO A 403 -3.38 12.92 -0.12
C PRO A 403 -3.57 11.47 0.30
N SER A 404 -2.69 10.57 -0.17
CA SER A 404 -2.71 9.16 0.19
C SER A 404 -4.02 8.48 -0.20
N PHE A 405 -4.60 8.90 -1.32
CA PHE A 405 -5.78 8.25 -1.86
C PHE A 405 -5.48 6.80 -2.17
N GLY A 406 -6.23 5.90 -1.53
CA GLY A 406 -6.00 4.48 -1.65
C GLY A 406 -5.26 3.84 -0.49
N TYR A 407 -4.68 4.64 0.41
CA TYR A 407 -3.91 4.09 1.51
C TYR A 407 -4.75 3.12 2.34
N SER A 408 -6.05 3.34 2.41
CA SER A 408 -6.96 2.37 3.00
C SER A 408 -8.20 2.28 2.12
N MET A 409 -8.79 1.09 2.06
CA MET A 409 -9.98 0.88 1.25
C MET A 409 -10.66 -0.41 1.70
N LYS A 410 -11.96 -0.48 1.41
CA LYS A 410 -12.75 -1.65 1.77
C LYS A 410 -13.78 -1.92 0.69
N GLY A 411 -13.97 -3.20 0.37
CA GLY A 411 -14.98 -3.60 -0.60
C GLY A 411 -15.88 -4.72 -0.08
N ALA A 412 -16.57 -5.39 -1.00
CA ALA A 412 -17.39 -6.57 -0.75
C ALA A 412 -18.67 -6.28 0.01
N THR A 413 -19.15 -5.04 -0.02
CA THR A 413 -20.41 -4.68 0.63
C THR A 413 -21.26 -3.87 -0.34
N ASP A 414 -22.50 -4.34 -0.54
CA ASP A 414 -23.45 -3.69 -1.45
C ASP A 414 -24.27 -2.70 -0.64
N ILE A 415 -23.78 -1.46 -0.58
CA ILE A 415 -24.34 -0.48 0.35
C ILE A 415 -25.64 0.14 -0.15
N ASP A 416 -25.91 0.10 -1.47
CA ASP A 416 -27.13 0.67 -2.02
C ASP A 416 -28.10 -0.40 -2.49
N LYS A 417 -27.84 -1.67 -2.19
CA LYS A 417 -28.75 -2.77 -2.50
C LYS A 417 -29.03 -2.87 -4.00
N ASN A 418 -28.07 -2.51 -4.84
CA ASN A 418 -28.27 -2.58 -6.28
C ASN A 418 -27.84 -3.93 -6.86
N GLY A 419 -27.37 -4.85 -6.03
CA GLY A 419 -26.94 -6.16 -6.48
C GLY A 419 -25.45 -6.29 -6.73
N TYR A 420 -24.68 -5.23 -6.56
CA TYR A 420 -23.25 -5.26 -6.82
C TYR A 420 -22.48 -4.67 -5.64
N PRO A 421 -21.36 -5.27 -5.25
CA PRO A 421 -20.60 -4.75 -4.10
C PRO A 421 -19.85 -3.48 -4.44
N ASP A 422 -19.73 -2.61 -3.46
CA ASP A 422 -19.17 -1.27 -3.65
C ASP A 422 -17.82 -1.15 -2.92
N LEU A 423 -17.26 0.06 -2.96
CA LEU A 423 -15.87 0.26 -2.53
C LEU A 423 -15.71 1.63 -1.88
N ILE A 424 -15.16 1.65 -0.68
CA ILE A 424 -14.77 2.88 0.02
C ILE A 424 -13.27 3.05 -0.12
N VAL A 425 -12.83 4.27 -0.41
CA VAL A 425 -11.41 4.58 -0.57
C VAL A 425 -11.08 5.75 0.32
N GLY A 426 -10.13 5.56 1.23
CA GLY A 426 -9.72 6.62 2.14
C GLY A 426 -8.58 7.44 1.58
N ALA A 427 -8.58 8.73 1.93
CA ALA A 427 -7.51 9.65 1.55
C ALA A 427 -7.24 10.54 2.78
N PHE A 428 -6.45 10.01 3.73
CA PHE A 428 -6.29 10.69 5.01
C PHE A 428 -5.46 11.96 4.89
N GLY A 429 -4.59 12.04 3.89
CA GLY A 429 -3.78 13.23 3.72
C GLY A 429 -4.58 14.47 3.37
N VAL A 430 -5.79 14.28 2.84
CA VAL A 430 -6.72 15.36 2.56
C VAL A 430 -7.97 15.26 3.41
N ASP A 431 -7.98 14.37 4.40
CA ASP A 431 -9.09 14.18 5.33
C ASP A 431 -10.39 13.87 4.57
N ARG A 432 -10.35 12.78 3.80
CA ARG A 432 -11.46 12.43 2.93
C ARG A 432 -11.60 10.93 2.86
N ALA A 433 -12.84 10.49 2.63
CA ALA A 433 -13.14 9.11 2.26
C ALA A 433 -14.18 9.17 1.15
N ILE A 434 -14.03 8.31 0.14
CA ILE A 434 -14.85 8.38 -1.06
C ILE A 434 -15.51 7.03 -1.29
N LEU A 435 -16.81 7.04 -1.52
CA LEU A 435 -17.57 5.85 -1.84
C LEU A 435 -17.79 5.77 -3.33
N TYR A 436 -17.27 4.71 -3.96
CA TYR A 436 -17.52 4.42 -5.36
C TYR A 436 -18.55 3.31 -5.44
N ARG A 437 -19.64 3.55 -6.16
CA ARG A 437 -20.72 2.59 -6.30
C ARG A 437 -20.59 1.84 -7.62
N ALA A 438 -20.79 0.53 -7.56
CA ALA A 438 -20.70 -0.29 -8.76
C ALA A 438 -21.92 -0.11 -9.64
N ARG A 439 -21.70 0.15 -10.93
CA ARG A 439 -22.78 0.26 -11.89
C ARG A 439 -23.24 -1.13 -12.31
N PRO A 440 -24.53 -1.31 -12.58
CA PRO A 440 -25.02 -2.63 -13.00
C PRO A 440 -24.56 -2.97 -14.40
N VAL A 441 -24.44 -4.27 -14.66
CA VAL A 441 -23.77 -4.78 -15.85
C VAL A 441 -24.79 -5.39 -16.79
N ILE A 442 -24.77 -4.96 -18.06
CA ILE A 442 -25.72 -5.41 -19.08
C ILE A 442 -25.08 -6.53 -19.89
N THR A 443 -25.78 -7.67 -19.95
CA THR A 443 -25.40 -8.76 -20.84
C THR A 443 -26.29 -8.70 -22.07
N VAL A 444 -25.68 -8.60 -23.25
CA VAL A 444 -26.39 -8.43 -24.51
C VAL A 444 -26.22 -9.68 -25.36
N ASN A 445 -27.32 -10.14 -25.95
CA ASN A 445 -27.31 -11.21 -26.95
C ASN A 445 -27.79 -10.59 -28.26
N ALA A 446 -26.86 -10.32 -29.16
CA ALA A 446 -27.16 -9.70 -30.44
C ALA A 446 -27.21 -10.75 -31.53
N GLY A 447 -28.06 -10.52 -32.53
CA GLY A 447 -28.20 -11.43 -33.64
C GLY A 447 -27.97 -10.71 -34.97
N LEU A 448 -27.55 -11.49 -35.96
CA LEU A 448 -27.31 -10.94 -37.29
C LEU A 448 -27.54 -12.06 -38.31
N GLU A 449 -28.55 -11.88 -39.16
CA GLU A 449 -28.88 -12.83 -40.20
C GLU A 449 -28.64 -12.21 -41.57
N VAL A 450 -28.06 -12.97 -42.47
CA VAL A 450 -27.85 -12.57 -43.85
C VAL A 450 -28.49 -13.63 -44.74
N TYR A 451 -29.63 -13.32 -45.33
CA TYR A 451 -30.30 -14.24 -46.23
C TYR A 451 -30.72 -13.54 -47.52
N PRO A 452 -30.32 -14.10 -48.67
CA PRO A 452 -29.46 -15.28 -48.76
C PRO A 452 -28.02 -14.99 -48.40
N SER A 453 -27.25 -16.00 -48.01
CA SER A 453 -25.85 -15.81 -47.67
C SER A 453 -24.92 -15.96 -48.87
N ILE A 454 -25.36 -16.63 -49.93
CA ILE A 454 -24.60 -16.71 -51.18
C ILE A 454 -25.29 -15.82 -52.20
N LEU A 455 -24.53 -14.90 -52.78
CA LEU A 455 -25.07 -13.82 -53.59
C LEU A 455 -24.70 -14.03 -55.06
N ASN A 456 -25.71 -14.29 -55.89
CA ASN A 456 -25.50 -14.41 -57.33
C ASN A 456 -25.67 -13.03 -57.96
N GLN A 457 -24.61 -12.54 -58.60
CA GLN A 457 -24.67 -11.21 -59.20
C GLN A 457 -25.66 -11.14 -60.35
N ASP A 458 -25.92 -12.27 -61.02
CA ASP A 458 -26.91 -12.30 -62.08
C ASP A 458 -28.34 -12.26 -61.57
N ASN A 459 -28.54 -12.41 -60.27
CA ASN A 459 -29.87 -12.46 -59.66
C ASN A 459 -30.27 -11.05 -59.27
N LYS A 460 -30.89 -10.34 -60.21
CA LYS A 460 -31.31 -8.95 -60.02
C LYS A 460 -32.79 -8.93 -59.65
N THR A 461 -33.07 -8.93 -58.35
CA THR A 461 -34.46 -8.90 -57.86
C THR A 461 -34.91 -7.47 -57.61
N CYS A 462 -34.32 -6.82 -56.62
CA CYS A 462 -34.73 -5.46 -56.27
C CYS A 462 -34.24 -4.47 -57.31
N SER A 463 -34.93 -3.32 -57.37
CA SER A 463 -34.53 -2.21 -58.22
C SER A 463 -34.24 -1.00 -57.33
N LEU A 464 -33.24 -0.21 -57.74
CA LEU A 464 -32.86 0.94 -56.94
C LEU A 464 -33.94 2.02 -57.00
N PRO A 465 -34.25 2.66 -55.88
CA PRO A 465 -35.31 3.69 -55.87
C PRO A 465 -34.91 4.90 -56.71
N GLY A 466 -35.72 5.21 -57.71
CA GLY A 466 -35.50 6.36 -58.56
C GLY A 466 -34.89 6.07 -59.92
N THR A 467 -34.54 4.82 -60.21
CA THR A 467 -33.93 4.49 -61.49
C THR A 467 -34.65 3.30 -62.14
N ALA A 468 -34.04 2.72 -63.18
CA ALA A 468 -34.58 1.54 -63.84
C ALA A 468 -33.75 0.28 -63.61
N LEU A 469 -32.44 0.39 -63.48
CA LEU A 469 -31.58 -0.79 -63.41
C LEU A 469 -31.78 -1.50 -62.08
N LYS A 470 -32.06 -2.81 -62.15
CA LYS A 470 -32.17 -3.65 -60.98
C LYS A 470 -30.79 -3.99 -60.44
N VAL A 471 -30.76 -4.45 -59.19
CA VAL A 471 -29.51 -4.84 -58.53
C VAL A 471 -29.72 -6.19 -57.85
N SER A 472 -28.60 -6.86 -57.58
CA SER A 472 -28.63 -8.08 -56.77
C SER A 472 -28.67 -7.70 -55.31
N CYS A 473 -29.74 -8.08 -54.62
CA CYS A 473 -30.03 -7.60 -53.28
C CYS A 473 -30.17 -8.74 -52.30
N PHE A 474 -30.01 -8.41 -51.02
CA PHE A 474 -30.20 -9.36 -49.93
C PHE A 474 -30.63 -8.61 -48.67
N ASN A 475 -31.18 -9.36 -47.72
CA ASN A 475 -31.76 -8.79 -46.50
C ASN A 475 -30.78 -8.88 -45.35
N VAL A 476 -30.63 -7.78 -44.61
CA VAL A 476 -29.78 -7.71 -43.42
C VAL A 476 -30.69 -7.55 -42.21
N ARG A 477 -30.80 -8.61 -41.42
CA ARG A 477 -31.65 -8.63 -40.23
C ARG A 477 -30.77 -8.74 -39.00
N PHE A 478 -30.88 -7.77 -38.11
CA PHE A 478 -30.10 -7.72 -36.88
C PHE A 478 -31.04 -7.71 -35.68
N CYS A 479 -30.73 -8.55 -34.69
CA CYS A 479 -31.55 -8.69 -33.50
C CYS A 479 -30.79 -8.22 -32.26
N LEU A 480 -31.53 -7.80 -31.25
CA LEU A 480 -30.94 -7.23 -30.05
C LEU A 480 -31.73 -7.66 -28.83
N LYS A 481 -31.02 -8.18 -27.82
CA LYS A 481 -31.64 -8.70 -26.60
C LYS A 481 -30.68 -8.45 -25.45
N ALA A 482 -31.23 -8.01 -24.31
CA ALA A 482 -30.40 -7.66 -23.16
C ALA A 482 -31.06 -8.11 -21.87
N ASP A 483 -30.22 -8.34 -20.86
CA ASP A 483 -30.69 -8.71 -19.53
C ASP A 483 -29.57 -8.48 -18.54
N GLY A 484 -29.94 -8.43 -17.25
CA GLY A 484 -28.96 -8.22 -16.19
C GLY A 484 -29.36 -8.98 -14.95
N LYS A 485 -28.40 -9.08 -14.03
CA LYS A 485 -28.59 -9.84 -12.80
C LYS A 485 -28.95 -8.98 -11.60
N GLY A 486 -28.56 -7.70 -11.59
CA GLY A 486 -28.78 -6.84 -10.45
C GLY A 486 -30.09 -6.08 -10.50
N VAL A 487 -30.09 -4.90 -9.89
CA VAL A 487 -31.23 -3.98 -9.93
C VAL A 487 -30.97 -2.99 -11.05
N LEU A 488 -31.87 -2.95 -12.03
CA LEU A 488 -31.64 -2.20 -13.26
C LEU A 488 -32.97 -1.78 -13.85
N PRO A 489 -33.01 -0.64 -14.54
CA PRO A 489 -34.26 -0.23 -15.21
C PRO A 489 -34.68 -1.20 -16.30
N ARG A 490 -35.86 -0.92 -16.87
CA ARG A 490 -36.41 -1.70 -17.97
C ARG A 490 -35.92 -1.21 -19.32
N LYS A 491 -36.12 0.09 -19.60
CA LYS A 491 -35.83 0.66 -20.91
C LYS A 491 -34.33 0.89 -21.05
N LEU A 492 -33.69 0.09 -21.90
CA LEU A 492 -32.28 0.27 -22.25
C LEU A 492 -32.22 0.85 -23.66
N ASN A 493 -31.65 2.04 -23.79
CA ASN A 493 -31.55 2.72 -25.08
C ASN A 493 -30.24 2.33 -25.76
N PHE A 494 -30.35 1.67 -26.92
CA PHE A 494 -29.20 1.22 -27.68
C PHE A 494 -29.04 2.06 -28.94
N GLN A 495 -27.79 2.33 -29.29
CA GLN A 495 -27.43 2.95 -30.56
C GLN A 495 -26.66 1.91 -31.37
N VAL A 496 -27.24 1.43 -32.46
CA VAL A 496 -26.70 0.35 -33.25
C VAL A 496 -26.20 0.90 -34.57
N GLU A 497 -25.00 0.48 -34.97
CA GLU A 497 -24.41 0.84 -36.25
C GLU A 497 -24.16 -0.40 -37.07
N LEU A 498 -24.43 -0.33 -38.36
CA LEU A 498 -24.15 -1.41 -39.29
C LEU A 498 -23.27 -0.88 -40.42
N LEU A 499 -22.22 -1.62 -40.74
CA LEU A 499 -21.33 -1.27 -41.84
C LEU A 499 -21.20 -2.46 -42.76
N LEU A 500 -21.54 -2.28 -44.03
CA LEU A 500 -21.42 -3.34 -45.02
C LEU A 500 -20.00 -3.40 -45.57
N ASP A 501 -19.51 -4.62 -45.78
CA ASP A 501 -18.20 -4.87 -46.38
C ASP A 501 -17.09 -4.12 -45.63
N LYS A 502 -17.11 -4.27 -44.30
CA LYS A 502 -16.10 -3.59 -43.48
C LYS A 502 -14.72 -4.16 -43.73
N LEU A 503 -14.60 -5.48 -43.87
CA LEU A 503 -13.32 -6.15 -44.05
C LEU A 503 -12.88 -6.21 -45.49
N LYS A 504 -13.15 -5.17 -46.28
CA LYS A 504 -12.59 -5.06 -47.61
C LYS A 504 -11.12 -4.69 -47.53
N GLN A 505 -10.39 -4.94 -48.62
CA GLN A 505 -8.97 -4.64 -48.65
C GLN A 505 -8.73 -3.14 -48.50
N LYS A 506 -7.51 -2.79 -48.08
CA LYS A 506 -7.13 -1.39 -47.93
C LYS A 506 -7.25 -0.68 -49.27
N GLY A 507 -8.21 0.23 -49.38
CA GLY A 507 -8.44 0.94 -50.62
C GLY A 507 -9.32 0.22 -51.61
N ALA A 508 -9.83 -0.95 -51.27
CA ALA A 508 -10.73 -1.66 -52.16
C ALA A 508 -12.09 -0.96 -52.22
N ILE A 509 -12.82 -1.23 -53.30
CA ILE A 509 -14.10 -0.58 -53.54
C ILE A 509 -15.16 -1.19 -52.64
N ARG A 510 -16.01 -0.33 -52.07
CA ARG A 510 -17.12 -0.79 -51.25
C ARG A 510 -18.09 -1.59 -52.12
N ARG A 511 -18.20 -2.90 -51.86
CA ARG A 511 -18.93 -3.79 -52.75
C ARG A 511 -20.41 -3.93 -52.40
N ALA A 512 -20.82 -3.53 -51.21
CA ALA A 512 -22.20 -3.66 -50.77
C ALA A 512 -22.69 -2.35 -50.18
N LEU A 513 -23.91 -1.96 -50.56
CA LEU A 513 -24.53 -0.74 -50.09
C LEU A 513 -25.97 -1.02 -49.73
N PHE A 514 -26.52 -0.19 -48.84
CA PHE A 514 -27.93 -0.32 -48.46
C PHE A 514 -28.82 0.26 -49.55
N LEU A 515 -29.95 -0.40 -49.79
CA LEU A 515 -30.80 -0.08 -50.93
C LEU A 515 -31.34 1.34 -50.84
N TYR A 516 -31.99 1.67 -49.73
CA TYR A 516 -32.68 2.95 -49.63
C TYR A 516 -31.73 4.12 -49.50
N SER A 517 -30.49 3.88 -49.06
CA SER A 517 -29.55 4.96 -48.78
C SER A 517 -28.41 5.08 -49.79
N ARG A 518 -28.11 4.02 -50.53
CA ARG A 518 -26.92 3.97 -51.38
C ARG A 518 -25.65 4.20 -50.59
N SER A 519 -25.68 3.85 -49.30
CA SER A 519 -24.58 4.06 -48.35
C SER A 519 -24.21 2.74 -47.70
N PRO A 520 -22.93 2.56 -47.35
CA PRO A 520 -22.53 1.31 -46.70
C PRO A 520 -22.88 1.26 -45.22
N SER A 521 -23.21 2.38 -44.59
CA SER A 521 -23.46 2.44 -43.16
C SER A 521 -24.91 2.77 -42.86
N HIS A 522 -25.43 2.19 -41.79
CA HIS A 522 -26.79 2.42 -41.33
C HIS A 522 -26.82 2.48 -39.82
N SER A 523 -27.40 3.55 -39.28
CA SER A 523 -27.55 3.74 -37.84
C SER A 523 -29.01 3.58 -37.45
N LYS A 524 -29.25 3.10 -36.23
CA LYS A 524 -30.60 2.86 -35.76
C LYS A 524 -30.62 2.85 -34.24
N ASN A 525 -31.54 3.61 -33.66
CA ASN A 525 -31.75 3.64 -32.22
C ASN A 525 -32.79 2.61 -31.82
N MET A 526 -32.50 1.83 -30.78
CA MET A 526 -33.38 0.76 -30.31
C MET A 526 -33.56 0.88 -28.80
N THR A 527 -34.76 1.26 -28.38
CA THR A 527 -35.16 1.13 -26.99
C THR A 527 -35.71 -0.27 -26.77
N ILE A 528 -35.06 -1.05 -25.91
CA ILE A 528 -35.51 -2.39 -25.60
C ILE A 528 -35.69 -2.52 -24.09
N SER A 529 -36.56 -3.43 -23.68
CA SER A 529 -36.76 -3.77 -22.29
C SER A 529 -36.10 -5.11 -22.00
N ARG A 530 -35.40 -5.19 -20.87
CA ARG A 530 -34.64 -6.40 -20.57
C ARG A 530 -35.57 -7.54 -20.17
N GLY A 531 -35.10 -8.77 -20.39
CA GLY A 531 -35.86 -9.96 -20.08
C GLY A 531 -36.83 -10.38 -21.17
N GLY A 532 -37.32 -9.43 -21.97
CA GLY A 532 -38.28 -9.73 -23.01
C GLY A 532 -37.64 -10.40 -24.21
N LEU A 533 -38.48 -10.65 -25.22
CA LEU A 533 -38.01 -11.28 -26.45
C LEU A 533 -37.04 -10.37 -27.18
N MET A 534 -36.41 -10.91 -28.22
CA MET A 534 -35.42 -10.16 -28.99
C MET A 534 -36.10 -9.23 -29.97
N GLN A 535 -35.65 -7.97 -30.00
CA GLN A 535 -36.15 -6.97 -30.92
C GLN A 535 -35.28 -6.94 -32.17
N CYS A 536 -35.89 -7.12 -33.33
CA CYS A 536 -35.15 -7.22 -34.58
C CYS A 536 -35.63 -6.18 -35.58
N GLU A 537 -34.85 -6.00 -36.64
CA GLU A 537 -35.17 -5.08 -37.72
C GLU A 537 -34.55 -5.58 -39.01
N GLU A 538 -35.33 -5.54 -40.09
CA GLU A 538 -34.92 -6.00 -41.40
C GLU A 538 -34.62 -4.83 -42.32
N LEU A 539 -33.71 -5.07 -43.26
CA LEU A 539 -33.25 -4.04 -44.18
C LEU A 539 -32.70 -4.71 -45.42
N ILE A 540 -32.72 -4.01 -46.55
CA ILE A 540 -32.28 -4.55 -47.83
C ILE A 540 -30.97 -3.87 -48.22
N ALA A 541 -29.98 -4.69 -48.58
CA ALA A 541 -28.71 -4.22 -49.12
C ALA A 541 -28.48 -4.85 -50.49
N TYR A 542 -27.62 -4.23 -51.28
CA TYR A 542 -27.37 -4.70 -52.64
C TYR A 542 -25.88 -4.63 -52.95
N LEU A 543 -25.48 -5.43 -53.94
CA LEU A 543 -24.12 -5.40 -54.46
C LEU A 543 -23.99 -4.34 -55.54
N ARG A 544 -22.82 -3.72 -55.60
CA ARG A 544 -22.46 -2.94 -56.77
C ARG A 544 -22.51 -3.80 -58.01
N ASP A 545 -22.65 -3.15 -59.16
CA ASP A 545 -22.63 -3.88 -60.43
C ASP A 545 -21.32 -4.64 -60.58
N GLU A 546 -21.39 -5.81 -61.22
CA GLU A 546 -20.23 -6.68 -61.31
C GLU A 546 -19.05 -5.99 -61.97
N SER A 547 -19.31 -5.10 -62.93
CA SER A 547 -18.24 -4.38 -63.61
C SER A 547 -17.58 -3.32 -62.74
N GLU A 548 -18.20 -2.95 -61.61
CA GLU A 548 -17.67 -1.87 -60.78
C GLU A 548 -16.56 -2.32 -59.85
N PHE A 549 -16.37 -3.64 -59.67
CA PHE A 549 -15.33 -4.13 -58.78
C PHE A 549 -14.87 -5.50 -59.26
N ARG A 550 -13.67 -5.90 -58.84
CA ARG A 550 -13.09 -7.17 -59.26
C ARG A 550 -13.07 -8.23 -58.17
N ASP A 551 -13.11 -7.84 -56.90
CA ASP A 551 -12.96 -8.80 -55.80
C ASP A 551 -14.27 -9.52 -55.60
N LYS A 552 -14.40 -10.70 -56.23
CA LYS A 552 -15.57 -11.55 -56.08
C LYS A 552 -15.36 -12.69 -55.11
N LEU A 553 -14.13 -12.89 -54.63
CA LEU A 553 -13.81 -14.03 -53.77
C LEU A 553 -13.76 -13.66 -52.29
N THR A 554 -13.39 -12.43 -51.95
CA THR A 554 -13.40 -12.01 -50.55
C THR A 554 -14.82 -12.05 -50.01
N PRO A 555 -15.06 -12.71 -48.87
CA PRO A 555 -16.41 -12.69 -48.29
C PRO A 555 -16.76 -11.30 -47.81
N ILE A 556 -17.98 -10.88 -48.11
CA ILE A 556 -18.49 -9.58 -47.69
C ILE A 556 -19.03 -9.73 -46.27
N THR A 557 -18.29 -9.21 -45.29
CA THR A 557 -18.66 -9.32 -43.89
C THR A 557 -19.56 -8.14 -43.52
N ILE A 558 -20.74 -8.45 -42.99
CA ILE A 558 -21.64 -7.43 -42.45
C ILE A 558 -21.28 -7.22 -40.99
N PHE A 559 -20.92 -5.99 -40.65
CA PHE A 559 -20.46 -5.65 -39.31
C PHE A 559 -21.54 -4.87 -38.58
N MET A 560 -21.86 -5.28 -37.36
CA MET A 560 -22.85 -4.61 -36.52
C MET A 560 -22.19 -4.17 -35.22
N GLU A 561 -22.29 -2.89 -34.90
CA GLU A 561 -21.76 -2.32 -33.68
C GLU A 561 -22.89 -1.69 -32.90
N TYR A 562 -22.90 -1.90 -31.59
CA TYR A 562 -23.93 -1.35 -30.72
C TYR A 562 -23.31 -0.83 -29.44
N ARG A 563 -23.83 0.30 -28.95
CA ARG A 563 -23.39 0.86 -27.68
C ARG A 563 -24.62 1.29 -26.89
N LEU A 564 -24.52 1.17 -25.59
CA LEU A 564 -25.57 1.70 -24.72
C LEU A 564 -25.49 3.22 -24.70
N ASP A 565 -26.64 3.86 -24.56
CA ASP A 565 -26.69 5.31 -24.57
C ASP A 565 -26.14 5.92 -23.28
N TYR A 566 -26.37 5.25 -22.13
CA TYR A 566 -25.89 5.68 -20.83
C TYR A 566 -26.54 6.97 -20.35
N ARG A 567 -26.95 7.83 -21.28
CA ARG A 567 -27.44 9.15 -20.92
C ARG A 567 -28.81 9.07 -20.25
N THR A 568 -29.70 8.24 -20.76
CA THR A 568 -31.10 8.25 -20.35
C THR A 568 -31.51 7.05 -19.51
N ALA A 569 -30.59 6.15 -19.18
CA ALA A 569 -30.94 4.93 -18.46
C ALA A 569 -30.64 5.00 -16.96
N ALA A 570 -30.42 6.21 -16.43
CA ALA A 570 -30.02 6.34 -15.03
C ALA A 570 -31.12 5.83 -14.11
N ASP A 571 -30.69 5.27 -12.98
CA ASP A 571 -31.60 4.72 -11.99
C ASP A 571 -32.09 5.83 -11.05
N THR A 572 -32.92 5.44 -10.08
CA THR A 572 -33.43 6.41 -9.10
C THR A 572 -32.30 7.05 -8.31
N THR A 573 -31.21 6.31 -8.09
CA THR A 573 -30.03 6.85 -7.44
C THR A 573 -29.07 7.53 -8.43
N GLY A 574 -29.49 7.68 -9.68
CA GLY A 574 -28.63 8.27 -10.69
C GLY A 574 -27.55 7.34 -11.19
N LEU A 575 -27.67 6.04 -10.93
CA LEU A 575 -26.64 5.07 -11.28
C LEU A 575 -26.93 4.55 -12.68
N GLN A 576 -26.09 4.93 -13.64
CA GLN A 576 -26.29 4.55 -15.04
C GLN A 576 -25.65 3.20 -15.31
N PRO A 577 -26.34 2.29 -16.03
CA PRO A 577 -25.76 0.96 -16.30
C PRO A 577 -24.55 1.01 -17.23
N ILE A 578 -23.96 -0.15 -17.51
CA ILE A 578 -22.78 -0.23 -18.37
C ILE A 578 -22.71 -1.62 -18.99
N LEU A 579 -22.17 -1.68 -20.21
CA LEU A 579 -21.99 -2.95 -20.90
C LEU A 579 -20.76 -3.67 -20.36
N ASN A 580 -20.83 -5.01 -20.35
CA ASN A 580 -19.73 -5.81 -19.85
C ASN A 580 -18.50 -5.67 -20.74
N GLN A 581 -17.32 -5.75 -20.12
CA GLN A 581 -16.08 -5.57 -20.86
C GLN A 581 -15.61 -6.86 -21.52
N PHE A 582 -15.89 -8.02 -20.93
CA PHE A 582 -15.41 -9.28 -21.49
C PHE A 582 -16.06 -9.62 -22.82
N THR A 583 -17.17 -8.98 -23.14
CA THR A 583 -17.88 -9.29 -24.37
C THR A 583 -17.60 -8.23 -25.42
N PRO A 584 -17.19 -8.60 -26.62
CA PRO A 584 -17.15 -7.63 -27.73
C PRO A 584 -18.54 -7.10 -28.01
N ALA A 585 -18.67 -5.77 -28.03
CA ALA A 585 -19.94 -5.13 -28.32
C ALA A 585 -20.15 -5.01 -29.83
N ASN A 586 -19.94 -6.11 -30.55
CA ASN A 586 -20.12 -6.14 -31.99
C ASN A 586 -20.30 -7.59 -32.43
N ILE A 587 -20.86 -7.74 -33.63
CA ILE A 587 -20.99 -9.05 -34.26
C ILE A 587 -20.77 -8.88 -35.76
N SER A 588 -20.35 -9.96 -36.40
CA SER A 588 -20.07 -9.93 -37.83
C SER A 588 -20.65 -11.17 -38.48
N ARG A 589 -21.09 -11.00 -39.72
CA ARG A 589 -21.62 -12.09 -40.53
C ARG A 589 -21.18 -11.84 -41.97
N GLN A 590 -20.77 -12.89 -42.66
CA GLN A 590 -20.24 -12.73 -44.01
C GLN A 590 -21.14 -13.40 -45.03
N ALA A 591 -21.14 -12.82 -46.24
CA ALA A 591 -21.87 -13.37 -47.38
C ALA A 591 -20.89 -13.55 -48.53
N HIS A 592 -21.22 -14.46 -49.44
CA HIS A 592 -20.32 -14.86 -50.50
C HIS A 592 -20.96 -14.67 -51.87
N ILE A 593 -20.12 -14.50 -52.89
CA ILE A 593 -20.56 -14.21 -54.24
C ILE A 593 -20.30 -15.42 -55.12
N LEU A 594 -21.16 -15.58 -56.13
CA LEU A 594 -20.95 -16.58 -57.18
C LEU A 594 -20.46 -15.90 -58.46
N ASP B 3 45.75 12.34 -9.20
CA ASP B 3 45.47 13.31 -8.15
C ASP B 3 44.10 13.94 -8.37
N TYR B 4 43.22 13.85 -7.37
CA TYR B 4 41.85 14.34 -7.53
C TYR B 4 41.27 14.70 -6.16
N PRO B 5 40.54 15.81 -6.04
CA PRO B 5 40.02 16.20 -4.73
C PRO B 5 39.03 15.20 -4.19
N VAL B 6 39.05 15.04 -2.86
CA VAL B 6 38.24 14.04 -2.17
C VAL B 6 37.49 14.72 -1.04
N ASP B 7 36.19 14.44 -0.95
CA ASP B 7 35.35 14.87 0.17
C ASP B 7 34.99 13.66 1.01
N LEU B 8 35.12 13.80 2.33
CA LEU B 8 34.85 12.71 3.26
C LEU B 8 33.90 13.24 4.33
N TYR B 9 32.75 12.60 4.49
CA TYR B 9 31.82 12.93 5.55
C TYR B 9 31.72 11.74 6.49
N TYR B 10 32.16 11.93 7.72
CA TYR B 10 32.15 10.87 8.73
C TYR B 10 30.80 10.91 9.44
N LEU B 11 29.98 9.89 9.20
CA LEU B 11 28.64 9.79 9.77
C LEU B 11 28.64 8.63 10.76
N MET B 12 28.64 8.96 12.05
CA MET B 12 28.88 7.97 13.10
C MET B 12 27.63 7.72 13.93
N ASP B 13 27.30 6.44 14.09
CA ASP B 13 26.41 5.99 15.15
C ASP B 13 26.93 6.44 16.51
N LEU B 14 26.08 7.12 17.29
CA LEU B 14 26.46 7.58 18.62
C LEU B 14 25.66 6.89 19.72
N SER B 15 25.22 5.66 19.50
CA SER B 15 24.68 4.86 20.60
C SER B 15 25.78 4.58 21.61
N ALA B 16 25.37 4.18 22.81
CA ALA B 16 26.32 3.95 23.90
C ALA B 16 27.33 2.86 23.56
N SER B 17 26.97 1.91 22.70
CA SER B 17 27.90 0.88 22.27
C SER B 17 29.03 1.45 21.43
N MET B 18 28.90 2.67 20.94
CA MET B 18 29.95 3.33 20.18
C MET B 18 30.83 4.22 21.04
N ASP B 19 30.75 4.06 22.38
CA ASP B 19 31.52 4.90 23.28
C ASP B 19 33.02 4.59 23.18
N ASP B 20 33.38 3.30 23.13
CA ASP B 20 34.78 2.95 22.95
C ASP B 20 35.25 3.28 21.54
N ASP B 21 34.36 3.20 20.55
CA ASP B 21 34.70 3.66 19.21
C ASP B 21 35.09 5.13 19.23
N LEU B 22 34.33 5.95 19.97
CA LEU B 22 34.66 7.37 20.08
C LEU B 22 36.06 7.57 20.64
N ASN B 23 36.45 6.77 21.63
CA ASN B 23 37.75 6.95 22.26
C ASN B 23 38.89 6.66 21.28
N THR B 24 38.68 5.75 20.34
CA THR B 24 39.74 5.40 19.39
C THR B 24 39.85 6.41 18.25
N ILE B 25 38.76 7.11 17.92
CA ILE B 25 38.76 8.10 16.84
C ILE B 25 39.32 9.45 17.27
N LYS B 26 39.79 9.56 18.52
CA LYS B 26 40.17 10.86 19.09
C LYS B 26 41.17 11.61 18.21
N GLU B 27 42.00 10.91 17.46
CA GLU B 27 42.98 11.56 16.58
C GLU B 27 42.90 11.01 15.16
N LEU B 28 41.74 10.51 14.76
CA LEU B 28 41.58 9.98 13.40
C LEU B 28 41.68 11.08 12.35
N GLY B 29 41.20 12.28 12.66
CA GLY B 29 41.20 13.34 11.66
C GLY B 29 42.59 13.67 11.15
N SER B 30 43.52 13.97 12.06
CA SER B 30 44.88 14.26 11.65
C SER B 30 45.56 13.05 11.04
N ARG B 31 45.26 11.85 11.54
CA ARG B 31 45.89 10.65 10.98
C ARG B 31 45.34 10.32 9.60
N LEU B 32 44.06 10.60 9.37
CA LEU B 32 43.47 10.30 8.06
C LEU B 32 43.94 11.30 7.02
N SER B 33 43.99 12.59 7.36
CA SER B 33 44.44 13.59 6.40
C SER B 33 45.94 13.47 6.13
N LYS B 34 46.70 12.85 7.03
CA LYS B 34 48.11 12.58 6.75
C LYS B 34 48.26 11.49 5.70
N GLU B 35 47.42 10.45 5.77
CA GLU B 35 47.47 9.37 4.80
C GLU B 35 46.92 9.82 3.45
N MET B 36 45.75 10.48 3.45
CA MET B 36 45.19 11.02 2.22
C MET B 36 46.13 12.01 1.55
N SER B 37 47.02 12.65 2.31
CA SER B 37 48.00 13.55 1.71
C SER B 37 48.90 12.82 0.72
N LYS B 38 49.13 11.53 0.94
CA LYS B 38 49.92 10.75 -0.02
C LYS B 38 49.17 10.56 -1.32
N LEU B 39 47.85 10.40 -1.26
CA LEU B 39 47.06 10.01 -2.41
C LEU B 39 46.39 11.18 -3.12
N THR B 40 46.24 12.32 -2.46
CA THR B 40 45.64 13.49 -3.10
C THR B 40 46.14 14.74 -2.39
N SER B 41 46.02 15.86 -3.10
CA SER B 41 46.42 17.16 -2.57
C SER B 41 45.26 17.98 -2.03
N ASN B 42 44.03 17.55 -2.27
CA ASN B 42 42.83 18.28 -1.82
C ASN B 42 41.92 17.28 -1.09
N PHE B 43 42.07 17.20 0.22
CA PHE B 43 41.25 16.35 1.06
C PHE B 43 40.51 17.20 2.07
N ARG B 44 39.19 16.99 2.18
CA ARG B 44 38.36 17.70 3.14
C ARG B 44 37.46 16.70 3.84
N LEU B 45 37.44 16.74 5.17
CA LEU B 45 36.67 15.82 5.98
C LEU B 45 35.72 16.58 6.88
N GLY B 46 34.54 15.97 7.12
CA GLY B 46 33.54 16.53 7.99
C GLY B 46 32.95 15.48 8.90
N PHE B 47 32.06 15.91 9.79
CA PHE B 47 31.52 15.02 10.80
C PHE B 47 30.04 15.26 11.04
N GLY B 48 29.32 14.15 11.22
CA GLY B 48 27.93 14.19 11.67
C GLY B 48 27.62 12.91 12.41
N SER B 49 26.57 12.96 13.22
CA SER B 49 26.21 11.83 14.08
C SER B 49 24.71 11.60 14.04
N PHE B 50 24.31 10.41 14.49
CA PHE B 50 22.92 9.99 14.49
C PHE B 50 22.69 8.94 15.56
N VAL B 51 21.42 8.81 15.96
CA VAL B 51 20.99 7.67 16.79
C VAL B 51 19.68 7.11 16.24
N GLU B 52 18.60 7.86 16.41
CA GLU B 52 17.27 7.32 16.14
C GLU B 52 16.24 8.44 16.24
N LYS B 53 15.09 8.22 15.61
CA LYS B 53 13.94 9.11 15.78
C LYS B 53 13.54 9.14 17.25
N PRO B 54 13.53 10.28 17.87
CA PRO B 54 13.26 10.36 19.31
C PRO B 54 11.76 10.32 19.63
N VAL B 55 11.10 9.24 19.23
CA VAL B 55 9.67 9.07 19.48
C VAL B 55 9.38 7.62 19.84
N SER B 56 8.28 7.44 20.55
CA SER B 56 7.75 6.11 20.85
C SER B 56 7.34 5.43 19.54
N PRO B 57 7.59 4.11 19.42
CA PRO B 57 8.15 3.20 20.42
C PRO B 57 9.65 3.00 20.33
N PHE B 58 10.32 3.77 19.46
CA PHE B 58 11.76 3.62 19.28
C PHE B 58 12.55 4.12 20.48
N VAL B 59 11.90 4.76 21.43
CA VAL B 59 12.54 5.46 22.54
C VAL B 59 11.58 5.46 23.71
N LYS B 60 12.08 5.15 24.90
CA LYS B 60 11.23 5.22 26.09
C LYS B 60 10.88 6.68 26.36
N THR B 61 9.66 6.90 26.86
CA THR B 61 9.07 8.23 26.80
C THR B 61 8.63 8.80 28.15
N THR B 62 9.05 8.22 29.26
CA THR B 62 8.83 8.89 30.53
C THR B 62 9.75 10.10 30.62
N PRO B 63 9.35 11.14 31.37
CA PRO B 63 10.20 12.34 31.46
C PRO B 63 11.64 12.04 31.83
N GLU B 64 11.87 11.08 32.73
CA GLU B 64 13.23 10.76 33.16
C GLU B 64 13.99 9.99 32.10
N GLU B 65 13.33 9.03 31.44
CA GLU B 65 13.99 8.24 30.41
C GLU B 65 14.28 9.07 29.17
N ILE B 66 13.44 10.06 28.86
CA ILE B 66 13.77 10.99 27.79
C ILE B 66 14.99 11.82 28.16
N ALA B 67 15.01 12.33 29.39
CA ALA B 67 16.13 13.16 29.85
C ALA B 67 17.41 12.35 29.93
N ASN B 68 17.31 11.06 30.24
CA ASN B 68 18.50 10.20 30.34
C ASN B 68 18.12 8.80 29.91
N PRO B 69 18.36 8.46 28.65
CA PRO B 69 18.01 7.11 28.20
C PRO B 69 18.99 6.03 28.65
N CYS B 70 19.92 6.38 29.54
CA CYS B 70 20.87 5.42 30.09
C CYS B 70 20.70 5.25 31.61
N SER B 71 19.47 5.41 32.10
CA SER B 71 19.22 5.18 33.52
C SER B 71 19.35 3.71 33.92
N SER B 72 19.58 2.81 32.96
CA SER B 72 19.68 1.38 33.22
C SER B 72 21.11 0.88 33.35
N ILE B 73 22.09 1.64 32.88
CA ILE B 73 23.49 1.20 32.92
C ILE B 73 23.99 0.98 34.36
N PRO B 74 23.81 1.98 35.26
CA PRO B 74 23.28 3.34 35.18
C PRO B 74 24.36 4.37 34.81
N TYR B 75 24.07 5.23 33.84
CA TYR B 75 25.07 6.13 33.30
C TYR B 75 24.36 7.37 32.76
N PHE B 76 25.13 8.46 32.65
CA PHE B 76 24.62 9.70 32.09
C PHE B 76 24.94 9.74 30.60
N CYS B 77 23.91 9.82 29.77
CA CYS B 77 24.09 9.97 28.34
C CYS B 77 23.07 10.97 27.81
N LEU B 78 23.33 11.46 26.60
CA LEU B 78 22.49 12.47 25.99
C LEU B 78 21.14 11.88 25.59
N PRO B 79 20.08 12.69 25.60
CA PRO B 79 18.80 12.22 25.07
C PRO B 79 18.93 11.84 23.60
N THR B 80 18.14 10.86 23.19
CA THR B 80 18.18 10.37 21.81
C THR B 80 17.90 11.49 20.82
N PHE B 81 18.63 11.48 19.71
CA PHE B 81 18.46 12.46 18.65
C PHE B 81 18.57 11.76 17.30
N GLY B 82 17.99 12.41 16.29
CA GLY B 82 17.90 11.81 14.97
C GLY B 82 19.19 11.92 14.16
N PHE B 83 19.56 13.13 13.77
CA PHE B 83 20.80 13.35 13.04
C PHE B 83 21.31 14.75 13.33
N LYS B 84 22.54 14.83 13.81
CA LYS B 84 23.22 16.11 14.04
C LYS B 84 24.36 16.24 13.05
N HIS B 85 24.37 17.33 12.30
CA HIS B 85 25.46 17.64 11.37
C HIS B 85 26.42 18.57 12.09
N ILE B 86 27.47 18.00 12.68
CA ILE B 86 28.34 18.78 13.54
C ILE B 86 29.34 19.59 12.72
N LEU B 87 30.11 18.93 11.85
CA LEU B 87 31.21 19.59 11.15
C LEU B 87 31.02 19.53 9.64
N PRO B 88 30.87 20.66 8.97
CA PRO B 88 30.95 20.65 7.50
C PRO B 88 32.35 20.30 7.07
N LEU B 89 32.46 19.56 5.97
CA LEU B 89 33.75 19.02 5.54
C LEU B 89 34.74 20.15 5.26
N THR B 90 35.91 20.07 5.90
CA THR B 90 36.88 21.15 5.89
C THR B 90 38.28 20.57 5.83
N ASN B 91 39.25 21.43 5.51
CA ASN B 91 40.65 21.02 5.44
C ASN B 91 41.32 20.96 6.80
N ASP B 92 40.73 21.57 7.82
CA ASP B 92 41.32 21.61 9.16
C ASP B 92 41.09 20.26 9.83
N ALA B 93 42.14 19.43 9.88
CA ALA B 93 42.03 18.13 10.51
C ALA B 93 41.98 18.24 12.04
N GLU B 94 42.57 19.30 12.60
CA GLU B 94 42.50 19.49 14.04
C GLU B 94 41.09 19.83 14.48
N ARG B 95 40.38 20.63 13.68
CA ARG B 95 38.98 20.90 13.97
C ARG B 95 38.15 19.62 14.03
N PHE B 96 38.51 18.64 13.20
CA PHE B 96 37.86 17.33 13.28
C PHE B 96 38.20 16.63 14.59
N ASN B 97 39.44 16.80 15.07
CA ASN B 97 39.85 16.12 16.30
C ASN B 97 39.06 16.63 17.50
N GLU B 98 39.08 17.94 17.73
CA GLU B 98 38.43 18.49 18.93
C GLU B 98 36.93 18.25 18.90
N ILE B 99 36.32 18.25 17.72
CA ILE B 99 34.89 17.97 17.63
C ILE B 99 34.61 16.54 18.05
N VAL B 100 35.45 15.59 17.61
CA VAL B 100 35.28 14.20 18.02
C VAL B 100 35.45 14.07 19.53
N LYS B 101 36.50 14.71 20.08
CA LYS B 101 36.76 14.64 21.50
C LYS B 101 35.66 15.31 22.33
N ASN B 102 34.81 16.12 21.72
CA ASN B 102 33.72 16.77 22.44
C ASN B 102 32.38 16.07 22.25
N GLN B 103 32.31 15.06 21.40
CA GLN B 103 31.07 14.32 21.22
C GLN B 103 30.78 13.46 22.44
N LYS B 104 29.51 13.15 22.64
CA LYS B 104 29.06 12.30 23.74
C LYS B 104 28.02 11.33 23.22
N ILE B 105 28.09 10.09 23.70
CA ILE B 105 27.19 9.05 23.22
C ILE B 105 25.79 9.26 23.79
N SER B 106 24.80 8.85 23.01
CA SER B 106 23.41 8.95 23.45
C SER B 106 22.95 7.60 23.99
N ALA B 107 21.72 7.22 23.66
CA ALA B 107 21.07 6.06 24.28
C ALA B 107 21.83 4.77 23.99
N ASN B 108 21.57 3.76 24.83
CA ASN B 108 22.18 2.44 24.67
C ASN B 108 21.23 1.53 23.90
N ILE B 109 21.11 1.82 22.60
CA ILE B 109 20.19 1.12 21.73
C ILE B 109 20.78 -0.22 21.32
N ASP B 110 19.93 -1.25 21.30
CA ASP B 110 20.29 -2.56 20.76
C ASP B 110 19.32 -3.01 19.67
N THR B 111 18.55 -2.07 19.13
CA THR B 111 17.62 -2.29 18.04
C THR B 111 18.15 -1.62 16.78
N PRO B 112 17.49 -1.79 15.64
CA PRO B 112 17.85 -0.99 14.47
C PRO B 112 17.73 0.49 14.78
N GLU B 113 18.41 1.30 13.98
CA GLU B 113 18.56 2.72 14.26
C GLU B 113 18.12 3.54 13.06
N GLY B 114 18.27 4.86 13.18
CA GLY B 114 17.80 5.77 12.17
C GLY B 114 18.91 6.31 11.29
N GLY B 115 19.84 5.44 10.91
CA GLY B 115 20.95 5.86 10.05
C GLY B 115 20.49 6.36 8.70
N PHE B 116 19.47 5.71 8.12
CA PHE B 116 19.03 6.10 6.77
C PHE B 116 18.55 7.54 6.73
N ASP B 117 17.96 8.04 7.82
CA ASP B 117 17.60 9.46 7.87
C ASP B 117 18.83 10.34 7.70
N ALA B 118 19.93 10.01 8.37
CA ALA B 118 21.13 10.81 8.28
C ALA B 118 21.78 10.70 6.91
N ILE B 119 21.85 9.48 6.36
CA ILE B 119 22.41 9.29 5.02
C ILE B 119 21.69 10.17 4.01
N MET B 120 20.37 10.19 4.07
CA MET B 120 19.58 11.03 3.18
C MET B 120 19.96 12.50 3.33
N GLN B 121 19.99 12.99 4.58
CA GLN B 121 20.34 14.39 4.82
C GLN B 121 21.76 14.69 4.37
N ALA B 122 22.70 13.76 4.60
CA ALA B 122 24.07 13.99 4.19
C ALA B 122 24.19 14.06 2.67
N ALA B 123 23.45 13.22 1.96
CA ALA B 123 23.52 13.23 0.50
C ALA B 123 22.88 14.48 -0.08
N VAL B 124 21.81 14.96 0.54
CA VAL B 124 20.99 16.01 -0.07
C VAL B 124 21.47 17.41 0.30
N CYS B 125 21.84 17.63 1.57
CA CYS B 125 22.22 18.96 2.04
C CYS B 125 23.61 19.31 1.53
N LYS B 126 23.65 19.79 0.28
CA LYS B 126 24.94 20.06 -0.35
C LYS B 126 25.65 21.24 0.30
N GLU B 127 24.97 22.39 0.41
CA GLU B 127 25.60 23.56 0.99
C GLU B 127 25.93 23.33 2.46
N LYS B 128 25.07 22.61 3.18
CA LYS B 128 25.28 22.45 4.62
C LYS B 128 26.44 21.50 4.92
N ILE B 129 26.44 20.33 4.30
CA ILE B 129 27.56 19.40 4.51
C ILE B 129 28.83 19.96 3.87
N GLY B 130 28.69 20.62 2.72
CA GLY B 130 29.80 21.26 2.07
C GLY B 130 30.42 20.51 0.91
N TRP B 131 29.65 19.67 0.21
CA TRP B 131 30.20 18.92 -0.91
C TRP B 131 30.72 19.85 -1.99
N ARG B 132 31.96 19.62 -2.41
CA ARG B 132 32.52 20.36 -3.55
C ARG B 132 32.00 19.79 -4.85
N ASN B 133 31.93 20.64 -5.88
CA ASN B 133 31.34 20.23 -7.14
C ASN B 133 32.20 19.19 -7.86
N ASP B 134 33.49 19.49 -8.03
CA ASP B 134 34.40 18.59 -8.75
C ASP B 134 35.32 17.89 -7.77
N SER B 135 34.75 16.93 -7.04
CA SER B 135 35.53 16.15 -6.09
C SER B 135 34.80 14.84 -5.80
N LEU B 136 35.56 13.85 -5.34
CA LEU B 136 34.97 12.59 -4.93
C LEU B 136 34.24 12.76 -3.61
N HIS B 137 32.98 12.32 -3.57
CA HIS B 137 32.13 12.44 -2.40
C HIS B 137 32.05 11.10 -1.70
N LEU B 138 32.73 10.98 -0.55
CA LEU B 138 32.74 9.74 0.23
C LEU B 138 31.96 9.96 1.51
N LEU B 139 30.92 9.15 1.71
CA LEU B 139 30.06 9.20 2.89
C LEU B 139 30.29 7.93 3.69
N VAL B 140 31.06 8.05 4.77
CA VAL B 140 31.40 6.90 5.60
C VAL B 140 30.33 6.73 6.67
N PHE B 141 29.69 5.56 6.69
CA PHE B 141 28.61 5.25 7.60
C PHE B 141 29.14 4.26 8.64
N VAL B 142 29.35 4.75 9.85
CA VAL B 142 29.98 3.98 10.94
C VAL B 142 28.90 3.60 11.94
N SER B 143 28.61 2.31 12.05
CA SER B 143 27.55 1.86 12.94
C SER B 143 27.79 0.41 13.32
N ASP B 144 27.24 0.02 14.48
CA ASP B 144 27.25 -1.36 14.93
C ASP B 144 25.84 -1.94 15.00
N ALA B 145 24.90 -1.39 14.23
CA ALA B 145 23.50 -1.82 14.30
C ALA B 145 22.88 -1.82 12.91
N ASP B 146 21.79 -2.59 12.78
CA ASP B 146 20.96 -2.53 11.59
C ASP B 146 20.31 -1.15 11.45
N SER B 147 19.53 -0.95 10.40
CA SER B 147 18.90 0.33 10.16
C SER B 147 17.41 0.14 9.93
N HIS B 148 16.65 1.16 10.31
CA HIS B 148 15.24 1.24 9.96
C HIS B 148 15.10 1.90 8.60
N PHE B 149 14.06 1.50 7.88
CA PHE B 149 13.84 2.06 6.56
C PHE B 149 12.34 2.19 6.31
N GLY B 150 11.99 3.11 5.42
CA GLY B 150 10.65 3.23 4.90
C GLY B 150 9.56 3.32 5.94
N MET B 151 8.61 2.38 5.91
CA MET B 151 7.42 2.43 6.74
C MET B 151 7.64 1.81 8.12
N ASP B 152 8.90 1.65 8.55
CA ASP B 152 9.13 1.28 9.94
C ASP B 152 8.60 2.35 10.88
N SER B 153 8.60 3.61 10.44
CA SER B 153 8.09 4.70 11.26
C SER B 153 6.58 4.68 11.40
N LYS B 154 5.88 3.79 10.69
CA LYS B 154 4.44 3.65 10.88
C LYS B 154 4.11 3.24 12.31
N LEU B 155 5.03 2.55 12.98
CA LEU B 155 4.83 2.22 14.39
C LEU B 155 4.73 3.48 15.24
N ALA B 156 5.41 4.54 14.85
CA ALA B 156 5.41 5.80 15.58
C ALA B 156 4.31 6.74 15.13
N GLY B 157 3.43 6.31 14.23
CA GLY B 157 2.45 7.21 13.68
C GLY B 157 3.01 8.18 12.67
N ILE B 158 4.17 7.88 12.09
CA ILE B 158 4.80 8.71 11.09
C ILE B 158 4.50 8.07 9.73
N VAL B 159 3.66 8.73 8.94
CA VAL B 159 3.10 8.10 7.75
C VAL B 159 3.23 9.01 6.53
N CYS B 160 4.00 10.09 6.67
CA CYS B 160 4.30 10.94 5.53
C CYS B 160 5.64 10.50 4.95
N PRO B 161 5.69 10.05 3.69
CA PRO B 161 6.94 9.50 3.15
C PRO B 161 8.04 10.54 3.10
N ASN B 162 9.28 10.06 3.09
CA ASN B 162 10.43 10.95 2.99
C ASN B 162 10.43 11.63 1.64
N ASP B 163 10.73 12.94 1.65
CA ASP B 163 10.70 13.74 0.43
C ASP B 163 12.08 13.99 -0.15
N GLY B 164 13.15 13.53 0.52
CA GLY B 164 14.48 13.71 -0.02
C GLY B 164 14.97 15.15 -0.07
N LEU B 165 14.36 16.04 0.71
CA LEU B 165 14.80 17.43 0.79
C LEU B 165 15.64 17.63 2.04
N CYS B 166 16.34 18.77 2.08
CA CYS B 166 17.21 19.10 3.21
C CYS B 166 16.40 19.75 4.32
N HIS B 167 16.54 19.24 5.54
CA HIS B 167 15.78 19.69 6.70
C HIS B 167 16.73 19.84 7.90
N LEU B 168 17.61 20.84 7.85
CA LEU B 168 18.54 21.11 8.93
C LEU B 168 18.16 22.45 9.57
N ASP B 169 17.80 22.41 10.84
CA ASP B 169 17.12 23.54 11.51
C ASP B 169 18.12 24.47 12.20
N SER B 170 18.99 25.09 11.39
CA SER B 170 19.88 26.15 11.86
C SER B 170 20.89 25.66 12.91
N LYS B 171 20.44 24.81 13.83
CA LYS B 171 21.34 24.05 14.69
C LYS B 171 21.96 22.85 13.98
N ASN B 172 21.73 22.73 12.67
CA ASN B 172 22.21 21.61 11.86
C ASN B 172 21.68 20.27 12.37
N GLU B 173 20.49 20.28 12.96
CA GLU B 173 19.80 19.06 13.36
C GLU B 173 18.65 18.78 12.41
N TYR B 174 18.38 17.49 12.19
CA TYR B 174 17.30 17.08 11.29
C TYR B 174 15.96 17.37 11.95
N SER B 175 15.23 18.36 11.41
CA SER B 175 14.01 18.84 12.02
C SER B 175 12.76 18.04 11.65
N MET B 176 12.85 17.15 10.66
CA MET B 176 11.73 16.32 10.27
C MET B 176 11.86 14.90 10.79
N SER B 177 12.76 14.67 11.75
CA SER B 177 12.99 13.33 12.26
C SER B 177 11.71 12.70 12.79
N THR B 178 10.84 13.51 13.39
CA THR B 178 9.58 13.03 13.94
C THR B 178 8.40 13.28 13.02
N VAL B 179 8.64 13.83 11.83
CA VAL B 179 7.58 14.21 10.90
C VAL B 179 7.54 13.26 9.70
N LEU B 180 8.68 12.98 9.10
CA LEU B 180 8.77 12.20 7.87
C LEU B 180 9.23 10.78 8.15
N GLU B 181 8.88 9.88 7.24
CA GLU B 181 9.29 8.48 7.35
C GLU B 181 10.78 8.34 7.09
N TYR B 182 11.32 7.20 7.50
CA TYR B 182 12.65 6.82 7.06
C TYR B 182 12.66 6.73 5.54
N PRO B 183 13.73 7.14 4.87
CA PRO B 183 13.81 6.92 3.43
C PRO B 183 13.77 5.44 3.10
N THR B 184 13.34 5.14 1.89
CA THR B 184 13.43 3.80 1.31
C THR B 184 14.75 3.66 0.57
N ILE B 185 15.17 2.41 0.35
CA ILE B 185 16.40 2.18 -0.40
C ILE B 185 16.31 2.81 -1.78
N GLY B 186 15.15 2.68 -2.43
CA GLY B 186 14.95 3.32 -3.72
C GLY B 186 15.07 4.84 -3.67
N GLN B 187 14.66 5.44 -2.54
CA GLN B 187 14.82 6.88 -2.38
C GLN B 187 16.28 7.25 -2.11
N LEU B 188 16.99 6.44 -1.34
CA LEU B 188 18.41 6.68 -1.11
C LEU B 188 19.21 6.56 -2.40
N ILE B 189 18.99 5.48 -3.15
CA ILE B 189 19.62 5.33 -4.47
C ILE B 189 19.40 6.57 -5.31
N ASP B 190 18.16 7.04 -5.36
CA ASP B 190 17.82 8.19 -6.20
C ASP B 190 18.63 9.43 -5.79
N LYS B 191 18.81 9.64 -4.49
CA LYS B 191 19.49 10.86 -4.05
C LYS B 191 21.01 10.71 -4.05
N LEU B 192 21.52 9.54 -3.66
CA LEU B 192 22.95 9.31 -3.70
C LEU B 192 23.50 9.44 -5.12
N VAL B 193 22.75 8.94 -6.10
CA VAL B 193 23.20 9.02 -7.50
C VAL B 193 23.17 10.46 -7.99
N GLN B 194 22.10 11.20 -7.67
CA GLN B 194 22.00 12.58 -8.15
C GLN B 194 23.09 13.47 -7.55
N ASN B 195 23.50 13.20 -6.31
CA ASN B 195 24.52 14.00 -5.64
C ASN B 195 25.90 13.37 -5.71
N ASN B 196 26.07 12.29 -6.49
CA ASN B 196 27.38 11.69 -6.75
C ASN B 196 28.07 11.27 -5.47
N VAL B 197 27.32 10.69 -4.55
CA VAL B 197 27.82 10.34 -3.22
C VAL B 197 28.13 8.84 -3.20
N LEU B 198 29.37 8.50 -2.84
CA LEU B 198 29.79 7.12 -2.70
C LEU B 198 29.63 6.70 -1.25
N LEU B 199 28.76 5.72 -1.01
CA LEU B 199 28.35 5.35 0.34
C LEU B 199 29.17 4.16 0.82
N ILE B 200 29.87 4.35 1.93
CA ILE B 200 30.71 3.32 2.53
C ILE B 200 30.04 2.86 3.82
N PHE B 201 29.70 1.58 3.89
CA PHE B 201 29.11 0.98 5.09
C PHE B 201 30.24 0.35 5.90
N ALA B 202 30.77 1.10 6.86
CA ALA B 202 31.73 0.56 7.81
C ALA B 202 30.93 0.08 9.01
N VAL B 203 30.64 -1.22 9.05
CA VAL B 203 29.74 -1.80 10.04
C VAL B 203 30.38 -3.05 10.63
N THR B 204 29.96 -3.37 11.85
CA THR B 204 30.55 -4.47 12.59
C THR B 204 30.12 -5.82 11.98
N GLN B 205 30.67 -6.90 12.53
CA GLN B 205 30.59 -8.22 11.90
C GLN B 205 29.14 -8.67 11.74
N GLU B 206 28.32 -8.49 12.77
CA GLU B 206 26.92 -8.93 12.69
C GLU B 206 26.13 -8.16 11.64
N GLN B 207 26.62 -7.01 11.19
CA GLN B 207 25.92 -6.17 10.23
C GLN B 207 26.50 -6.26 8.83
N VAL B 208 27.64 -6.92 8.64
CA VAL B 208 28.35 -6.86 7.36
C VAL B 208 27.50 -7.46 6.25
N HIS B 209 27.04 -8.71 6.44
CA HIS B 209 26.31 -9.40 5.39
C HIS B 209 25.01 -8.69 5.05
N LEU B 210 24.31 -8.18 6.06
CA LEU B 210 23.09 -7.43 5.83
C LEU B 210 23.36 -6.18 4.98
N TYR B 211 24.36 -5.39 5.38
CA TYR B 211 24.65 -4.17 4.64
C TYR B 211 25.30 -4.46 3.28
N GLU B 212 25.99 -5.60 3.15
CA GLU B 212 26.44 -6.03 1.84
C GLU B 212 25.26 -6.11 0.86
N ASN B 213 24.16 -6.72 1.30
CA ASN B 213 23.00 -6.86 0.43
C ASN B 213 22.40 -5.50 0.09
N TYR B 214 22.36 -4.59 1.07
CA TYR B 214 21.91 -3.23 0.77
C TYR B 214 22.79 -2.58 -0.27
N ALA B 215 24.12 -2.71 -0.11
CA ALA B 215 25.05 -2.07 -1.03
C ALA B 215 24.94 -2.62 -2.44
N LYS B 216 24.53 -3.89 -2.58
CA LYS B 216 24.42 -4.47 -3.91
C LYS B 216 23.27 -3.88 -4.70
N LEU B 217 22.31 -3.25 -4.03
CA LEU B 217 21.26 -2.49 -4.69
C LEU B 217 21.62 -1.04 -4.90
N ILE B 218 22.58 -0.52 -4.13
CA ILE B 218 22.94 0.90 -4.15
C ILE B 218 24.19 1.06 -5.01
N PRO B 219 24.13 1.76 -6.13
CA PRO B 219 25.33 1.92 -6.97
C PRO B 219 26.38 2.77 -6.28
N GLY B 220 27.64 2.37 -6.43
CA GLY B 220 28.75 3.05 -5.80
C GLY B 220 28.96 2.74 -4.34
N ALA B 221 28.18 1.83 -3.76
CA ALA B 221 28.28 1.54 -2.34
C ALA B 221 29.24 0.39 -2.09
N THR B 222 29.95 0.45 -0.97
CA THR B 222 30.83 -0.62 -0.54
C THR B 222 30.66 -0.83 0.96
N VAL B 223 31.15 -1.97 1.44
CA VAL B 223 30.98 -2.38 2.82
C VAL B 223 32.34 -2.79 3.37
N GLY B 224 32.67 -2.30 4.55
CA GLY B 224 33.89 -2.68 5.25
C GLY B 224 33.56 -3.21 6.63
N LEU B 225 34.24 -4.30 7.02
CA LEU B 225 34.01 -4.94 8.31
C LEU B 225 34.72 -4.12 9.39
N LEU B 226 33.94 -3.38 10.16
CA LEU B 226 34.45 -2.52 11.22
C LEU B 226 34.65 -3.31 12.51
N GLN B 227 35.74 -3.04 13.20
CA GLN B 227 35.98 -3.68 14.49
C GLN B 227 35.15 -3.03 15.59
N LYS B 228 35.03 -3.74 16.72
CA LYS B 228 34.08 -3.34 17.75
C LYS B 228 34.42 -1.97 18.34
N ASP B 229 35.69 -1.62 18.39
CA ASP B 229 36.11 -0.31 18.88
C ASP B 229 36.57 0.62 17.75
N SER B 230 36.16 0.32 16.51
CA SER B 230 36.56 1.09 15.33
C SER B 230 38.08 1.19 15.19
N GLY B 231 38.79 0.15 15.63
CA GLY B 231 40.24 0.19 15.58
C GLY B 231 40.83 0.21 14.18
N ASN B 232 40.06 -0.20 13.17
CA ASN B 232 40.55 -0.33 11.81
C ASN B 232 39.89 0.65 10.85
N ILE B 233 39.21 1.67 11.37
CA ILE B 233 38.40 2.54 10.52
C ILE B 233 39.28 3.33 9.55
N LEU B 234 40.47 3.72 10.02
CA LEU B 234 41.42 4.42 9.14
C LEU B 234 41.78 3.55 7.93
N GLN B 235 42.17 2.30 8.18
CA GLN B 235 42.51 1.40 7.09
C GLN B 235 41.30 1.11 6.22
N LEU B 236 40.11 1.00 6.82
CA LEU B 236 38.91 0.73 6.04
C LEU B 236 38.62 1.87 5.07
N ILE B 237 38.83 3.11 5.51
CA ILE B 237 38.55 4.26 4.66
C ILE B 237 39.52 4.31 3.49
N ILE B 238 40.81 4.10 3.76
CA ILE B 238 41.80 4.12 2.68
C ILE B 238 41.53 2.99 1.70
N SER B 239 41.27 1.79 2.22
CA SER B 239 40.98 0.65 1.37
C SER B 239 39.75 0.92 0.52
N ALA B 240 38.67 1.43 1.14
CA ALA B 240 37.46 1.75 0.39
C ALA B 240 37.72 2.82 -0.65
N TYR B 241 38.51 3.86 -0.29
CA TYR B 241 38.83 4.91 -1.24
C TYR B 241 39.58 4.36 -2.45
N GLU B 242 40.63 3.56 -2.18
CA GLU B 242 41.37 2.96 -3.27
C GLU B 242 40.54 1.93 -4.03
N GLU B 243 39.57 1.30 -3.36
CA GLU B 243 38.65 0.40 -4.06
C GLU B 243 37.78 1.18 -5.04
N LEU B 244 37.12 2.25 -4.57
CA LEU B 244 36.29 3.07 -5.45
C LEU B 244 37.11 3.81 -6.50
N ARG B 245 38.41 4.01 -6.25
CA ARG B 245 39.27 4.70 -7.20
C ARG B 245 39.55 3.87 -8.44
N SER B 246 39.25 2.57 -8.42
CA SER B 246 39.47 1.66 -9.55
C SER B 246 38.15 0.96 -9.84
N GLU B 247 37.29 1.59 -10.65
CA GLU B 247 35.97 1.05 -10.98
C GLU B 247 36.11 0.14 -12.21
N VAL B 248 36.35 -1.14 -11.96
CA VAL B 248 36.33 -2.13 -13.04
C VAL B 248 34.91 -2.28 -13.57
N GLU B 249 34.00 -2.75 -12.71
CA GLU B 249 32.56 -2.69 -12.94
C GLU B 249 32.16 -3.48 -14.19
N LEU B 250 32.26 -4.80 -14.05
CA LEU B 250 31.87 -5.72 -15.12
C LEU B 250 30.41 -6.11 -15.00
C1 NAG C . -6.22 19.25 18.44
C2 NAG C . -5.57 19.82 17.18
C3 NAG C . -4.15 20.31 17.48
C4 NAG C . -4.12 21.21 18.71
C5 NAG C . -4.89 20.58 19.87
C6 NAG C . -5.05 21.51 21.05
C7 NAG C . -6.61 18.51 15.38
C8 NAG C . -6.39 17.46 14.32
N2 NAG C . -5.54 18.82 16.11
O3 NAG C . -3.64 20.99 16.35
O4 NAG C . -2.77 21.37 19.15
O5 NAG C . -6.21 20.22 19.45
O6 NAG C . -5.89 20.94 22.04
O7 NAG C . -7.70 19.04 15.55
C1 NAG C . -2.21 22.66 18.84
C2 NAG C . -1.23 22.98 19.96
C3 NAG C . -0.46 24.26 19.66
C4 NAG C . 0.20 24.17 18.29
C5 NAG C . -0.84 23.83 17.23
C6 NAG C . -0.24 23.60 15.86
C7 NAG C . -1.81 22.16 22.21
C8 NAG C . -2.57 22.43 23.46
N2 NAG C . -1.91 23.09 21.25
O3 NAG C . 0.52 24.49 20.66
O4 NAG C . 0.83 25.41 17.96
O5 NAG C . -1.51 22.61 17.58
O6 NAG C . -0.85 24.43 14.89
O7 NAG C . -1.13 21.15 22.06
C1 NAG D . -3.47 -28.00 14.79
C2 NAG D . -2.64 -29.27 14.88
C3 NAG D . -2.40 -29.85 13.48
C4 NAG D . -3.72 -30.06 12.78
C5 NAG D . -4.54 -28.77 12.76
C6 NAG D . -5.92 -28.94 12.18
C7 NAG D . -1.14 -29.37 16.83
C8 NAG D . 0.22 -29.04 17.36
N2 NAG D . -1.38 -29.02 15.56
O3 NAG D . -1.69 -31.08 13.59
O4 NAG D . -3.50 -30.51 11.44
O5 NAG D . -4.70 -28.27 14.10
O6 NAG D . -6.77 -27.84 12.50
O7 NAG D . -1.99 -29.94 17.51
C1 NAG D . -3.91 -31.88 11.34
C2 NAG D . -4.57 -32.12 9.99
C3 NAG D . -5.02 -33.57 9.88
C4 NAG D . -3.87 -34.52 10.18
C5 NAG D . -3.22 -34.16 11.51
C6 NAG D . -1.98 -34.97 11.81
C7 NAG D . -5.83 -30.45 8.71
C8 NAG D . -7.06 -29.58 8.67
N2 NAG D . -5.70 -31.22 9.79
O3 NAG D . -5.51 -33.80 8.56
O4 NAG D . -4.36 -35.86 10.27
O5 NAG D . -2.82 -32.78 11.51
O6 NAG D . -0.79 -34.26 11.48
O7 NAG D . -5.02 -30.46 7.79
C1 BMA D . -4.03 -36.58 9.06
C2 BMA D . -3.14 -37.79 9.42
C3 BMA D . -2.87 -38.64 8.16
C4 BMA D . -4.17 -38.92 7.38
C5 BMA D . -4.90 -37.60 7.09
C6 BMA D . -6.21 -37.80 6.34
O2 BMA D . -3.77 -38.64 10.37
O3 BMA D . -2.21 -39.85 8.49
O4 BMA D . -3.86 -39.59 6.16
O5 BMA D . -5.19 -36.97 8.33
O6 BMA D . -6.62 -36.55 5.81
C1 NAG E . 7.87 -20.28 9.04
C2 NAG E . 8.02 -21.72 9.49
C3 NAG E . 8.14 -21.80 11.01
C4 NAG E . 9.21 -20.84 11.52
C5 NAG E . 8.98 -19.44 10.96
C6 NAG E . 10.06 -18.47 11.32
C7 NAG E . 7.00 -23.37 7.98
C8 NAG E . 5.77 -24.13 7.64
N2 NAG E . 6.92 -22.54 9.03
O3 NAG E . 8.46 -23.13 11.40
O4 NAG E . 9.12 -20.78 12.94
O5 NAG E . 8.94 -19.51 9.53
O6 NAG E . 11.32 -18.85 10.76
O7 NAG E . 8.04 -23.50 7.34
C1 NAG E . 10.33 -21.27 13.52
C2 NAG E . 10.34 -20.77 14.96
C3 NAG E . 11.59 -21.28 15.69
C4 NAG E . 11.73 -22.78 15.53
C5 NAG E . 11.63 -23.19 14.06
C6 NAG E . 11.63 -24.68 13.85
C7 NAG E . 9.19 -18.63 15.28
C8 NAG E . 7.98 -19.44 15.63
N2 NAG E . 10.29 -19.32 14.98
O3 NAG E . 11.48 -20.96 17.07
O4 NAG E . 13.01 -23.17 16.02
O5 NAG E . 10.41 -22.69 13.51
O6 NAG E . 10.86 -25.35 14.84
O7 NAG E . 9.18 -17.40 15.28
C1 BMA E . 12.86 -24.15 17.05
C2 BMA E . 14.10 -25.04 16.99
C3 BMA E . 14.12 -26.02 18.14
C4 BMA E . 13.83 -25.32 19.48
C5 BMA E . 12.53 -24.49 19.39
C6 BMA E . 12.24 -23.67 20.62
O2 BMA E . 15.27 -24.24 17.15
O3 BMA E . 15.36 -26.72 18.20
O4 BMA E . 13.74 -26.27 20.52
O5 BMA E . 12.67 -23.55 18.30
O6 BMA E . 12.64 -24.40 21.76
C1 MAN E . 12.54 -23.57 22.92
C2 MAN E . 13.81 -22.72 23.02
C3 MAN E . 15.01 -23.60 23.46
C4 MAN E . 14.65 -24.57 24.61
C5 MAN E . 13.32 -25.30 24.33
C6 MAN E . 12.85 -26.16 25.50
O2 MAN E . 13.69 -21.69 24.00
O3 MAN E . 16.14 -22.81 23.84
O4 MAN E . 15.68 -25.52 24.77
O5 MAN E . 12.30 -24.32 24.06
O6 MAN E . 11.87 -27.07 25.01
C1 MAN E . 16.75 -22.25 22.66
C2 MAN E . 17.51 -23.34 21.90
C3 MAN E . 18.83 -23.68 22.63
C4 MAN E . 19.62 -22.40 22.96
C5 MAN E . 18.73 -21.44 23.77
C6 MAN E . 19.42 -20.13 24.10
O2 MAN E . 17.88 -22.91 20.59
O3 MAN E . 19.64 -24.57 21.87
O4 MAN E . 20.76 -22.74 23.74
O5 MAN E . 17.56 -21.14 22.99
O6 MAN E . 19.95 -19.59 22.89
C1 MAN E . 15.34 -27.90 17.39
C2 MAN E . 16.46 -28.85 17.85
C3 MAN E . 17.81 -28.29 17.41
C4 MAN E . 17.82 -28.01 15.91
C5 MAN E . 16.66 -27.07 15.53
C6 MAN E . 16.52 -26.86 14.04
O2 MAN E . 16.36 -30.13 17.21
O3 MAN E . 18.87 -29.16 17.76
O4 MAN E . 19.04 -27.38 15.55
O5 MAN E . 15.41 -27.65 16.00
O6 MAN E . 15.34 -26.09 13.81
C1 NAG F . -32.43 -13.98 -55.77
C2 NAG F . -32.57 -15.37 -55.15
C3 NAG F . -33.85 -15.45 -54.32
C4 NAG F . -33.97 -14.29 -53.34
C5 NAG F . -33.77 -12.97 -54.07
C6 NAG F . -33.76 -11.78 -53.15
C7 NAG F . -31.87 -17.53 -56.10
C8 NAG F . -31.08 -17.74 -54.85
N2 NAG F . -32.56 -16.39 -56.18
O3 NAG F . -33.86 -16.69 -53.59
O4 NAG F . -35.26 -14.29 -52.76
O5 NAG F . -32.51 -12.98 -54.76
O6 NAG F . -32.47 -11.57 -52.59
O7 NAG F . -31.89 -18.36 -56.99
C1 NAG F . -35.22 -14.53 -51.34
C2 NAG F . -36.51 -13.97 -50.76
C3 NAG F . -36.60 -14.27 -49.27
C4 NAG F . -36.40 -15.75 -49.00
C5 NAG F . -35.08 -16.21 -49.64
C6 NAG F . -34.83 -17.69 -49.51
C7 NAG F . -37.63 -11.96 -51.61
C8 NAG F . -37.56 -10.47 -51.77
N2 NAG F . -36.60 -12.54 -51.00
O3 NAG F . -37.88 -13.88 -48.78
O4 NAG F . -36.36 -16.00 -47.61
O5 NAG F . -35.11 -15.92 -51.05
O6 NAG F . -33.57 -17.94 -48.90
O7 NAG F . -38.59 -12.61 -52.02
C1 BMA F . -37.47 -16.84 -47.23
C2 BMA F . -36.96 -17.95 -46.28
C3 BMA F . -38.13 -18.77 -45.74
C4 BMA F . -39.28 -17.88 -45.23
C5 BMA F . -39.70 -16.90 -46.33
C6 BMA F . -40.84 -15.97 -45.90
O2 BMA F . -36.30 -17.38 -45.16
O3 BMA F . -37.70 -19.66 -44.72
O4 BMA F . -40.38 -18.68 -44.82
O5 BMA F . -38.55 -16.09 -46.68
O6 BMA F . -40.36 -15.14 -44.84
C1 NAG G . -30.44 8.38 -31.77
C2 NAG G . -30.47 9.20 -33.05
C3 NAG G . -29.54 10.42 -32.93
C4 NAG G . -29.87 11.22 -31.67
C5 NAG G . -29.82 10.31 -30.46
C6 NAG G . -30.24 11.00 -29.18
C7 NAG G . -30.98 7.77 -34.98
C8 NAG G . -30.41 6.99 -36.11
N2 NAG G . -30.09 8.40 -34.20
O3 NAG G . -29.68 11.22 -34.09
O4 NAG G . -28.94 12.27 -31.50
O5 NAG G . -30.73 9.21 -30.64
O6 NAG G . -30.99 10.13 -28.34
O7 NAG G . -32.19 7.84 -34.78
C1 NAG G . -29.50 13.54 -31.90
C2 NAG G . -28.68 14.67 -31.28
C3 NAG G . -29.18 16.03 -31.78
C4 NAG G . -29.21 16.06 -33.30
C5 NAG G . -30.04 14.90 -33.82
C6 NAG G . -30.07 14.79 -35.33
C7 NAG G . -27.96 13.83 -29.09
C8 NAG G . -28.17 13.90 -27.60
N2 NAG G . -28.75 14.62 -29.83
O3 NAG G . -28.32 17.05 -31.29
O4 NAG G . -29.75 17.29 -33.76
O5 NAG G . -29.50 13.67 -33.33
O6 NAG G . -31.22 14.11 -35.78
O7 NAG G . -27.13 13.08 -29.59
C1 BMA G . -28.70 18.03 -34.42
C2 BMA G . -29.29 19.12 -35.33
C3 BMA G . -28.15 19.90 -36.02
C4 BMA G . -27.09 20.34 -35.00
C5 BMA G . -26.61 19.14 -34.16
C6 BMA G . -25.60 19.52 -33.08
O2 BMA G . -30.03 20.07 -34.56
O3 BMA G . -28.64 21.03 -36.77
O4 BMA G . -25.98 20.93 -35.67
O5 BMA G . -27.74 18.54 -33.52
O6 BMA G . -26.15 19.14 -31.82
C1 MAN G . -28.78 20.82 -38.21
C2 MAN G . -30.20 21.31 -38.67
C3 MAN G . -31.20 20.12 -38.97
C4 MAN G . -30.53 18.91 -39.69
C5 MAN G . -29.32 18.45 -38.89
C6 MAN G . -28.59 17.27 -39.53
O2 MAN G . -30.17 22.36 -39.76
O3 MAN G . -32.42 20.52 -39.62
O4 MAN G . -31.45 17.84 -39.81
O5 MAN G . -28.34 19.54 -38.74
O6 MAN G . -27.53 16.87 -38.66
C1 MAN G . -30.19 21.90 -41.13
C2 MAN G . -29.00 22.48 -41.97
C3 MAN G . -29.39 23.68 -42.86
C4 MAN G . -30.78 23.51 -43.46
C5 MAN G . -31.77 23.32 -42.34
C6 MAN G . -33.22 23.30 -42.80
O2 MAN G . -28.48 21.49 -42.87
O3 MAN G . -28.42 23.92 -43.89
O4 MAN G . -31.12 24.66 -44.22
O5 MAN G . -31.48 22.05 -41.73
O6 MAN G . -34.02 23.92 -41.78
C1 MAN G . -25.43 19.81 -30.77
C2 MAN G . -24.44 18.84 -30.10
C3 MAN G . -25.17 17.89 -29.14
C4 MAN G . -26.19 18.63 -28.23
C5 MAN G . -27.11 19.54 -29.06
C6 MAN G . -28.01 20.40 -28.19
O2 MAN G . -23.46 19.53 -29.33
O3 MAN G . -24.23 17.18 -28.32
O4 MAN G . -26.99 17.68 -27.53
O5 MAN G . -26.29 20.43 -29.85
O6 MAN G . -28.13 19.79 -26.91
C1 MAN G . -24.18 15.80 -28.73
C2 MAN G . -24.50 14.89 -27.50
C3 MAN G . -23.27 14.77 -26.60
C4 MAN G . -22.01 14.43 -27.40
C5 MAN G . -21.80 15.48 -28.51
C6 MAN G . -20.59 15.20 -29.38
O2 MAN G . -24.82 13.56 -27.90
O3 MAN G . -23.46 13.80 -25.57
O4 MAN G . -20.86 14.41 -26.56
O5 MAN G . -22.97 15.48 -29.37
O6 MAN G . -20.43 16.29 -30.29
C1 MAN G . -28.68 20.74 -25.96
C2 MAN G . -27.60 21.76 -25.57
C3 MAN G . -26.65 21.16 -24.53
C4 MAN G . -27.42 20.52 -23.37
C5 MAN G . -28.41 19.49 -23.91
C6 MAN G . -29.27 18.86 -22.82
O2 MAN G . -28.18 22.90 -24.93
O3 MAN G . -25.74 22.14 -24.03
O4 MAN G . -26.51 19.88 -22.49
O5 MAN G . -29.30 20.13 -24.86
O6 MAN G . -30.14 17.91 -23.42
CA CA H . -8.59 -19.69 -5.27
CA CA I . -15.77 -10.23 -10.96
CA CA J . -23.84 -1.59 -4.97
CA CA K . -8.35 -23.52 8.66
C1 NAG L . -15.28 -5.88 -31.89
C2 NAG L . -14.15 -5.58 -32.88
C3 NAG L . -12.86 -6.27 -32.45
C4 NAG L . -12.53 -5.97 -31.00
C5 NAG L . -13.75 -6.26 -30.11
C6 NAG L . -13.53 -5.85 -28.67
C7 NAG L . -14.06 -5.40 -35.33
C8 NAG L . -14.51 -5.97 -36.64
N2 NAG L . -14.51 -6.00 -34.23
O3 NAG L . -11.78 -5.83 -33.28
O4 NAG L . -11.45 -6.78 -30.56
O5 NAG L . -14.88 -5.51 -30.58
O6 NAG L . -13.88 -6.90 -27.78
O7 NAG L . -13.31 -4.44 -35.28
S SO4 M . -16.89 4.41 -48.35
O1 SO4 M . -17.79 3.54 -49.11
O2 SO4 M . -16.45 3.71 -47.15
O3 SO4 M . -17.59 5.64 -47.99
O4 SO4 M . -15.73 4.76 -49.17
O1 MES N . -6.59 -0.53 -54.35
C2 MES N . -6.94 -1.64 -53.51
C3 MES N . -7.39 -2.83 -54.34
N4 MES N . -8.42 -2.37 -55.26
C5 MES N . -8.12 -1.23 -56.11
C6 MES N . -7.68 -0.10 -55.18
C7 MES N . -9.29 -3.39 -55.79
C8 MES N . -10.69 -2.81 -55.86
S MES N . -11.73 -4.10 -56.11
O1S MES N . -12.74 -4.14 -55.05
O2S MES N . -10.97 -5.36 -56.12
O3S MES N . -12.40 -3.92 -57.43
C1 PEG O . -31.34 4.94 -44.65
O1 PEG O . -30.11 4.62 -44.11
C2 PEG O . -31.82 3.81 -45.51
O2 PEG O . -33.09 3.45 -45.13
C3 PEG O . -33.27 2.78 -43.93
C4 PEG O . -34.71 2.81 -43.53
O4 PEG O . -35.34 1.64 -43.89
CA CA P . 31.92 -0.36 20.37
CA CA Q . 24.61 1.59 17.50
C1 NAG R . 27.91 22.51 -9.72
C2 NAG R . 27.54 23.99 -9.84
C3 NAG R . 26.04 24.15 -10.09
C4 NAG R . 25.61 23.31 -11.29
C5 NAG R . 26.06 21.86 -11.11
C6 NAG R . 25.77 20.99 -12.32
C7 NAG R . 29.16 25.22 -8.46
C8 NAG R . 29.38 25.95 -7.16
N2 NAG R . 27.93 24.72 -8.64
O3 NAG R . 25.73 25.52 -10.33
O4 NAG R . 24.19 23.35 -11.44
O5 NAG R . 27.48 21.81 -10.90
O6 NAG R . 26.01 19.62 -12.04
O7 NAG R . 30.04 25.11 -9.30
C1 PEG S . 35.49 -13.20 14.28
O1 PEG S . 36.16 -13.93 13.31
C2 PEG S . 36.43 -12.19 14.86
O2 PEG S . 36.74 -11.23 13.91
C3 PEG S . 37.64 -10.23 14.22
C4 PEG S . 36.94 -9.13 14.94
O4 PEG S . 36.05 -8.51 14.09
#